data_2VZ2
#
_entry.id   2VZ2
#
_cell.length_a   132.026
_cell.length_b   223.730
_cell.length_c   86.629
_cell.angle_alpha   90.00
_cell.angle_beta   90.00
_cell.angle_gamma   90.00
#
_symmetry.space_group_name_H-M   'C 2 2 2'
#
loop_
_entity.id
_entity.type
_entity.pdbx_description
1 polymer 'AMINE OXIDASE [FLAVIN-CONTAINING] B'
2 non-polymer 'FLAVIN-ADENINE DINUCLEOTIDE'
3 non-polymer (1Z)-4-(4-FLUOROPHENYL)-2-METHYLIDENEBUTAN-1-IMINE
4 non-polymer N-DODECYL-N,N-DIMETHYL-3-AMMONIO-1-PROPANESULFONATE
5 water water
#
_entity_poly.entity_id   1
_entity_poly.type   'polypeptide(L)'
_entity_poly.pdbx_seq_one_letter_code
;MSNKCDVVVVGGGISGMAAAKLLHDSGLNVVVLEARDRVGGRTYTLRNQKVKYVDLGGSYVGPTQNRILRLAKELGLETY
KVNEVERLIHHVKGKSYPFRGPFPPVWNPITYLDHNNFWRTMDDMGREIPSDAPWKAPLAEEWDNMTMKELLDKLCWTES
AKQLATLFVNLCVTAETHEVSALWFLWYVKQCGGTTRIISTTNGGQERKFVGGSGQVSERIMDLLGDRVKLERPVIYIDQ
TRENVLVETLNHEMYEAKYVISAIPPTLGMKIHFNPPLPMMRNQMITRVPLGSVIKCIVYYKEPFWRKKDYCGTMIIDGE
EAPVAYTLDDTKPEGNYAAIMGFILAHKARKLARLTKEERLKKLCELYAKVLGSLEALEPVHYEEKNWCEEQYSGGCYTT
YFPPGILTQYGRVLRQPVDRIYFAGTETATHWSGYMEGAVEAGERAAREILHAMGKIPEDEIWQSEPESVDVPAQPITTT
FLERHLPSVPGLLRLIGLTTIFSATALGFLAHKRGLLVRV
;
_entity_poly.pdbx_strand_id   A,B
#
# COMPACT_ATOMS: atom_id res chain seq x y z
N ASN A 3 -27.57 16.44 -15.55
CA ASN A 3 -27.99 15.29 -14.69
C ASN A 3 -27.98 13.96 -15.47
N LYS A 4 -29.03 13.69 -16.24
CA LYS A 4 -29.28 12.37 -16.82
C LYS A 4 -28.46 12.06 -18.08
N CYS A 5 -27.85 10.88 -18.10
CA CYS A 5 -27.14 10.34 -19.28
C CYS A 5 -27.03 8.81 -19.22
N ASP A 6 -26.42 8.21 -20.24
CA ASP A 6 -26.25 6.76 -20.28
C ASP A 6 -25.05 6.33 -19.42
N VAL A 7 -23.91 7.00 -19.61
CA VAL A 7 -22.68 6.65 -18.90
C VAL A 7 -21.95 7.88 -18.35
N VAL A 8 -21.63 7.83 -17.05
CA VAL A 8 -20.73 8.79 -16.45
C VAL A 8 -19.33 8.18 -16.43
N VAL A 9 -18.36 8.89 -16.99
CA VAL A 9 -16.98 8.48 -16.94
C VAL A 9 -16.26 9.34 -15.91
N VAL A 10 -15.65 8.69 -14.92
CA VAL A 10 -14.91 9.38 -13.88
C VAL A 10 -13.42 9.38 -14.23
N GLY A 11 -12.91 10.57 -14.52
CA GLY A 11 -11.53 10.72 -14.97
C GLY A 11 -11.46 11.09 -16.44
N GLY A 12 -10.78 12.20 -16.73
CA GLY A 12 -10.59 12.66 -18.10
C GLY A 12 -9.16 12.55 -18.59
N GLY A 13 -8.48 11.46 -18.22
CA GLY A 13 -7.18 11.13 -18.79
C GLY A 13 -7.40 10.36 -20.08
N ILE A 14 -6.32 9.80 -20.65
CA ILE A 14 -6.42 9.08 -21.93
C ILE A 14 -7.42 7.91 -21.89
N SER A 15 -7.42 7.15 -20.79
CA SER A 15 -8.33 6.01 -20.66
C SER A 15 -9.81 6.42 -20.62
N GLY A 16 -10.15 7.43 -19.81
CA GLY A 16 -11.51 7.93 -19.71
C GLY A 16 -11.97 8.63 -20.96
N MET A 17 -11.06 9.34 -21.62
CA MET A 17 -11.36 10.03 -22.87
C MET A 17 -11.53 9.02 -24.01
N ALA A 18 -10.72 7.98 -24.02
CA ALA A 18 -10.87 6.88 -25.00
C ALA A 18 -12.20 6.15 -24.82
N ALA A 19 -12.61 5.93 -23.58
CA ALA A 19 -13.89 5.29 -23.25
C ALA A 19 -15.08 6.15 -23.70
N ALA A 20 -15.07 7.42 -23.33
CA ALA A 20 -16.13 8.35 -23.67
C ALA A 20 -16.27 8.56 -25.18
N LYS A 21 -15.14 8.62 -25.89
CA LYS A 21 -15.16 8.75 -27.34
C LYS A 21 -15.84 7.56 -28.00
N LEU A 22 -15.49 6.35 -27.57
CA LEU A 22 -16.06 5.12 -28.14
C LEU A 22 -17.56 5.07 -27.93
N LEU A 23 -17.99 5.32 -26.69
CA LEU A 23 -19.40 5.31 -26.31
C LEU A 23 -20.18 6.40 -27.04
N HIS A 24 -19.55 7.56 -27.21
CA HIS A 24 -20.09 8.66 -27.98
C HIS A 24 -20.27 8.25 -29.44
N ASP A 25 -19.25 7.59 -29.99
CA ASP A 25 -19.26 7.12 -31.38
C ASP A 25 -20.31 6.02 -31.62
N SER A 26 -20.69 5.34 -30.54
CA SER A 26 -21.71 4.28 -30.60
C SER A 26 -23.14 4.83 -30.38
N GLY A 27 -23.26 6.14 -30.26
CA GLY A 27 -24.56 6.80 -30.12
C GLY A 27 -25.10 7.01 -28.72
N LEU A 28 -24.26 6.81 -27.69
CA LEU A 28 -24.69 6.99 -26.30
C LEU A 28 -24.48 8.40 -25.79
N ASN A 29 -25.28 8.79 -24.80
CA ASN A 29 -25.12 10.06 -24.09
C ASN A 29 -24.13 9.85 -22.96
N VAL A 30 -22.95 10.45 -23.11
CA VAL A 30 -21.88 10.31 -22.13
C VAL A 30 -21.47 11.65 -21.53
N VAL A 31 -20.98 11.58 -20.29
CA VAL A 31 -20.46 12.73 -19.59
C VAL A 31 -19.14 12.32 -18.94
N VAL A 32 -18.14 13.18 -19.06
CA VAL A 32 -16.85 12.97 -18.42
C VAL A 32 -16.71 13.95 -17.27
N LEU A 33 -16.49 13.42 -16.07
CA LEU A 33 -16.26 14.23 -14.88
C LEU A 33 -14.79 14.20 -14.53
N GLU A 34 -14.13 15.33 -14.74
CA GLU A 34 -12.70 15.47 -14.52
C GLU A 34 -12.43 16.38 -13.32
N ALA A 35 -11.64 15.89 -12.37
CA ALA A 35 -11.27 16.63 -11.15
C ALA A 35 -10.53 17.95 -11.40
N ARG A 36 -9.59 17.95 -12.34
CA ARG A 36 -8.71 19.10 -12.58
C ARG A 36 -9.33 20.14 -13.52
N ASP A 37 -8.63 21.26 -13.70
CA ASP A 37 -9.03 22.29 -14.67
C ASP A 37 -8.52 21.96 -16.07
N ARG A 38 -8.11 20.70 -16.27
CA ARG A 38 -7.58 20.21 -17.54
C ARG A 38 -7.84 18.71 -17.71
N VAL A 39 -7.79 18.25 -18.95
CA VAL A 39 -7.77 16.82 -19.27
C VAL A 39 -6.32 16.35 -19.47
N GLY A 40 -6.13 15.04 -19.56
CA GLY A 40 -4.81 14.45 -19.82
C GLY A 40 -4.25 13.64 -18.66
N GLY A 41 -4.56 14.08 -17.44
CA GLY A 41 -4.13 13.38 -16.22
C GLY A 41 -2.62 13.25 -16.06
N ARG A 42 -2.13 12.04 -16.24
CA ARG A 42 -0.69 11.75 -16.13
C ARG A 42 0.09 12.11 -17.39
N THR A 43 -0.63 12.57 -18.41
CA THR A 43 -0.01 13.24 -19.56
C THR A 43 -0.31 14.72 -19.42
N TYR A 44 0.70 15.54 -19.71
CA TYR A 44 0.58 16.99 -19.56
C TYR A 44 1.61 17.67 -20.43
N THR A 45 1.14 18.50 -21.34
CA THR A 45 2.02 19.23 -22.25
C THR A 45 2.02 20.71 -21.88
N LEU A 46 3.14 21.17 -21.34
CA LEU A 46 3.35 22.59 -21.09
C LEU A 46 3.72 23.33 -22.39
N ARG A 47 3.02 24.43 -22.68
CA ARG A 47 3.41 25.35 -23.76
C ARG A 47 3.81 26.73 -23.24
N ASN A 48 4.99 27.19 -23.66
CA ASN A 48 5.42 28.58 -23.50
C ASN A 48 6.44 28.91 -24.60
N GLN A 49 6.90 30.15 -24.67
CA GLN A 49 7.78 30.59 -25.75
C GLN A 49 9.20 30.03 -25.65
N LYS A 50 9.64 29.75 -24.42
CA LYS A 50 10.99 29.19 -24.20
C LYS A 50 11.15 27.75 -24.66
N VAL A 51 10.06 26.97 -24.59
CA VAL A 51 10.12 25.53 -24.90
C VAL A 51 9.31 25.14 -26.14
N LYS A 52 8.44 26.06 -26.59
CA LYS A 52 7.37 25.79 -27.56
C LYS A 52 6.31 24.84 -26.96
N TYR A 53 6.69 23.59 -26.76
CA TYR A 53 5.87 22.62 -26.05
C TYR A 53 6.79 21.61 -25.38
N VAL A 54 6.32 20.98 -24.30
CA VAL A 54 7.06 19.91 -23.61
C VAL A 54 6.13 19.01 -22.82
N ASP A 55 6.33 17.70 -22.95
CA ASP A 55 5.61 16.72 -22.16
C ASP A 55 6.25 16.61 -20.78
N LEU A 56 5.47 16.92 -19.74
CA LEU A 56 5.96 16.80 -18.36
C LEU A 56 5.55 15.48 -17.70
N GLY A 57 4.63 14.75 -18.35
CA GLY A 57 4.27 13.40 -17.94
C GLY A 57 4.58 12.40 -19.04
N GLY A 58 3.66 11.45 -19.25
CA GLY A 58 3.79 10.46 -20.31
C GLY A 58 4.04 11.06 -21.68
N SER A 59 4.95 10.44 -22.43
CA SER A 59 5.46 11.03 -23.68
C SER A 59 5.78 10.03 -24.79
N TYR A 60 6.49 8.96 -24.44
CA TYR A 60 7.03 8.03 -25.44
C TYR A 60 6.03 6.98 -25.87
N VAL A 61 6.08 6.67 -27.17
CA VAL A 61 5.32 5.59 -27.78
C VAL A 61 6.28 4.80 -28.67
N GLY A 62 6.00 3.52 -28.87
CA GLY A 62 6.82 2.68 -29.73
C GLY A 62 6.06 1.57 -30.43
N PRO A 63 6.78 0.73 -31.21
CA PRO A 63 6.22 -0.45 -31.85
C PRO A 63 5.52 -1.39 -30.87
N THR A 64 4.44 -2.02 -31.35
CA THR A 64 3.50 -2.86 -30.58
C THR A 64 2.51 -2.07 -29.71
N GLN A 65 2.64 -0.75 -29.68
CA GLN A 65 1.66 0.10 -28.98
C GLN A 65 0.64 0.61 -29.99
N ASN A 66 -0.09 -0.32 -30.61
CA ASN A 66 -0.91 0.00 -31.78
C ASN A 66 -2.19 0.78 -31.50
N ARG A 67 -2.74 0.64 -30.29
CA ARG A 67 -3.98 1.32 -29.90
C ARG A 67 -3.80 2.83 -29.74
N ILE A 68 -2.83 3.25 -28.94
CA ILE A 68 -2.50 4.67 -28.78
C ILE A 68 -2.12 5.30 -30.12
N LEU A 69 -1.43 4.55 -30.97
CA LEU A 69 -0.99 5.06 -32.27
C LEU A 69 -2.17 5.30 -33.22
N ARG A 70 -3.12 4.36 -33.23
CA ARG A 70 -4.33 4.48 -34.05
C ARG A 70 -5.23 5.62 -33.56
N LEU A 71 -5.35 5.74 -32.23
CA LEU A 71 -6.17 6.82 -31.65
C LEU A 71 -5.59 8.18 -32.01
N ALA A 72 -4.28 8.33 -31.84
CA ALA A 72 -3.59 9.58 -32.14
C ALA A 72 -3.67 9.95 -33.63
N LYS A 73 -3.45 8.97 -34.50
CA LYS A 73 -3.53 9.18 -35.94
C LYS A 73 -4.94 9.61 -36.38
N GLU A 74 -5.95 8.98 -35.80
CA GLU A 74 -7.35 9.35 -36.08
C GLU A 74 -7.66 10.79 -35.64
N LEU A 75 -7.02 11.23 -34.55
CA LEU A 75 -7.17 12.59 -34.05
C LEU A 75 -6.34 13.61 -34.84
N GLY A 76 -5.57 13.12 -35.81
CA GLY A 76 -4.76 13.98 -36.68
C GLY A 76 -3.36 14.23 -36.17
N LEU A 77 -2.89 13.38 -35.28
CA LEU A 77 -1.55 13.53 -34.67
C LEU A 77 -0.45 12.80 -35.44
N GLU A 78 0.78 13.15 -35.10
CA GLU A 78 1.96 12.72 -35.84
C GLU A 78 3.03 12.36 -34.82
N THR A 79 3.87 11.37 -35.15
CA THR A 79 5.03 11.02 -34.30
C THR A 79 6.35 11.35 -34.97
N TYR A 80 7.39 11.47 -34.16
CA TYR A 80 8.76 11.57 -34.65
C TYR A 80 9.69 10.69 -33.81
N LYS A 81 10.80 10.29 -34.40
CA LYS A 81 11.76 9.41 -33.73
C LYS A 81 12.64 10.16 -32.73
N VAL A 82 12.71 9.62 -31.50
CA VAL A 82 13.68 10.06 -30.50
C VAL A 82 15.10 9.86 -31.05
N ASN A 83 15.98 10.82 -30.83
CA ASN A 83 17.36 10.75 -31.32
C ASN A 83 18.16 9.63 -30.68
N GLU A 84 18.54 8.65 -31.51
CA GLU A 84 19.47 7.61 -31.10
C GLU A 84 20.50 7.35 -32.21
N VAL A 85 20.85 8.41 -32.94
CA VAL A 85 21.76 8.31 -34.08
C VAL A 85 23.20 8.04 -33.60
N GLU A 86 23.63 8.79 -32.60
CA GLU A 86 24.99 8.67 -32.09
C GLU A 86 25.07 7.69 -30.91
N ARG A 87 26.20 7.67 -30.21
CA ARG A 87 26.45 6.69 -29.14
C ARG A 87 25.65 6.95 -27.85
N LEU A 88 25.20 5.87 -27.22
CA LEU A 88 24.64 5.92 -25.87
C LEU A 88 25.79 5.93 -24.88
N ILE A 89 25.50 6.30 -23.64
CA ILE A 89 26.52 6.32 -22.59
C ILE A 89 26.07 5.47 -21.40
N HIS A 90 26.98 4.62 -20.93
CA HIS A 90 26.79 3.94 -19.65
C HIS A 90 27.81 4.50 -18.66
N HIS A 91 27.30 5.11 -17.60
CA HIS A 91 28.14 5.75 -16.62
C HIS A 91 28.08 4.95 -15.35
N VAL A 92 29.23 4.41 -14.95
CA VAL A 92 29.33 3.60 -13.73
C VAL A 92 30.69 3.78 -13.06
N LYS A 93 30.68 3.94 -11.73
CA LYS A 93 31.88 4.24 -10.94
C LYS A 93 32.56 5.55 -11.34
N GLY A 94 31.75 6.58 -11.63
CA GLY A 94 32.25 7.88 -12.02
C GLY A 94 32.94 7.95 -13.37
N LYS A 95 32.73 6.94 -14.20
CA LYS A 95 33.34 6.86 -15.54
C LYS A 95 32.28 6.60 -16.60
N SER A 96 32.46 7.17 -17.80
CA SER A 96 31.53 6.96 -18.91
C SER A 96 32.04 5.99 -19.97
N TYR A 97 31.16 5.13 -20.46
CA TYR A 97 31.50 4.15 -21.49
C TYR A 97 30.51 4.25 -22.65
N PRO A 98 30.95 4.83 -23.78
CA PRO A 98 30.09 4.96 -24.95
C PRO A 98 29.83 3.59 -25.56
N PHE A 99 28.64 3.40 -26.13
CA PHE A 99 28.28 2.15 -26.77
C PHE A 99 27.15 2.33 -27.77
N ARG A 100 26.88 1.28 -28.55
CA ARG A 100 25.74 1.24 -29.47
C ARG A 100 24.87 0.01 -29.21
N GLY A 101 23.58 0.13 -29.51
CA GLY A 101 22.62 -0.93 -29.22
C GLY A 101 21.91 -0.64 -27.92
N PRO A 102 20.89 -1.46 -27.59
CA PRO A 102 20.05 -1.20 -26.41
C PRO A 102 20.73 -1.49 -25.07
N PHE A 103 21.71 -2.39 -25.07
CA PHE A 103 22.33 -2.85 -23.83
C PHE A 103 23.79 -2.43 -23.68
N PRO A 104 24.17 -1.87 -22.51
CA PRO A 104 25.55 -1.56 -22.19
C PRO A 104 26.42 -2.83 -22.26
N PRO A 105 27.59 -2.75 -22.91
CA PRO A 105 28.40 -3.94 -23.14
C PRO A 105 29.20 -4.36 -21.91
N VAL A 106 29.57 -5.63 -21.87
CA VAL A 106 30.33 -6.20 -20.76
C VAL A 106 31.44 -7.07 -21.33
N TRP A 107 32.67 -6.83 -20.89
CA TRP A 107 33.83 -7.55 -21.41
C TRP A 107 34.25 -8.76 -20.58
N ASN A 108 34.21 -8.61 -19.25
CA ASN A 108 34.55 -9.70 -18.33
C ASN A 108 33.66 -10.92 -18.56
N PRO A 109 34.27 -12.07 -18.94
CA PRO A 109 33.55 -13.29 -19.31
C PRO A 109 32.56 -13.80 -18.26
N ILE A 110 32.92 -13.72 -16.98
CA ILE A 110 32.03 -14.13 -15.88
C ILE A 110 30.83 -13.18 -15.80
N THR A 111 31.12 -11.88 -15.81
CA THR A 111 30.11 -10.83 -15.77
C THR A 111 29.19 -10.91 -17.01
N TYR A 112 29.76 -11.23 -18.16
CA TYR A 112 28.98 -11.40 -19.40
C TYR A 112 27.96 -12.52 -19.27
N LEU A 113 28.38 -13.66 -18.71
CA LEU A 113 27.47 -14.79 -18.51
C LEU A 113 26.35 -14.44 -17.52
N ASP A 114 26.68 -13.61 -16.54
CA ASP A 114 25.74 -13.21 -15.50
C ASP A 114 24.72 -12.21 -16.02
N HIS A 115 25.17 -11.23 -16.79
CA HIS A 115 24.29 -10.27 -17.46
C HIS A 115 23.35 -11.01 -18.43
N ASN A 116 23.93 -11.87 -19.27
CA ASN A 116 23.15 -12.66 -20.23
C ASN A 116 22.05 -13.47 -19.56
N ASN A 117 22.43 -14.29 -18.57
CA ASN A 117 21.50 -15.10 -17.81
C ASN A 117 20.40 -14.29 -17.11
N PHE A 118 20.74 -13.14 -16.56
CA PHE A 118 19.75 -12.32 -15.88
C PHE A 118 18.57 -11.92 -16.78
N TRP A 119 18.88 -11.31 -17.92
CA TRP A 119 17.87 -10.84 -18.87
C TRP A 119 17.07 -12.00 -19.45
N ARG A 120 17.76 -13.09 -19.71
CA ARG A 120 17.17 -14.32 -20.23
C ARG A 120 16.16 -14.89 -19.23
N THR A 121 16.54 -14.91 -17.96
CA THR A 121 15.70 -15.44 -16.88
C THR A 121 14.47 -14.56 -16.61
N MET A 122 14.63 -13.24 -16.67
CA MET A 122 13.48 -12.32 -16.61
C MET A 122 12.41 -12.67 -17.65
N ASP A 123 12.86 -12.94 -18.87
CA ASP A 123 11.95 -13.32 -19.95
C ASP A 123 11.45 -14.75 -19.80
N ASP A 124 12.34 -15.64 -19.33
CA ASP A 124 11.98 -17.04 -19.06
C ASP A 124 10.82 -17.10 -18.07
N MET A 125 10.97 -16.40 -16.96
CA MET A 125 9.95 -16.35 -15.92
C MET A 125 8.69 -15.68 -16.44
N GLY A 126 8.87 -14.63 -17.25
CA GLY A 126 7.76 -13.93 -17.89
C GLY A 126 6.83 -14.81 -18.69
N ARG A 127 7.37 -15.81 -19.39
CA ARG A 127 6.56 -16.70 -20.23
C ARG A 127 5.66 -17.63 -19.40
N GLU A 128 5.94 -17.72 -18.11
CA GLU A 128 5.11 -18.51 -17.20
C GLU A 128 3.90 -17.73 -16.72
N ILE A 129 3.90 -16.41 -16.95
CA ILE A 129 2.91 -15.50 -16.36
C ILE A 129 1.90 -15.03 -17.39
N PRO A 130 0.63 -15.49 -17.27
CA PRO A 130 -0.40 -15.02 -18.20
C PRO A 130 -0.64 -13.52 -18.08
N SER A 131 -0.64 -12.82 -19.21
CA SER A 131 -0.90 -11.38 -19.28
C SER A 131 -2.21 -10.97 -18.63
N ASP A 132 -3.27 -11.73 -18.89
CA ASP A 132 -4.60 -11.40 -18.41
C ASP A 132 -4.88 -11.90 -17.00
N ALA A 133 -3.98 -12.72 -16.47
CA ALA A 133 -4.15 -13.31 -15.14
C ALA A 133 -2.82 -13.75 -14.52
N PRO A 134 -1.96 -12.77 -14.13
CA PRO A 134 -0.64 -13.09 -13.55
C PRO A 134 -0.67 -14.04 -12.35
N TRP A 135 -1.70 -13.92 -11.53
CA TRP A 135 -1.90 -14.80 -10.36
C TRP A 135 -2.11 -16.27 -10.75
N LYS A 136 -2.20 -16.55 -12.05
CA LYS A 136 -2.38 -17.93 -12.53
C LYS A 136 -1.08 -18.66 -12.87
N ALA A 137 0.05 -17.95 -12.84
CA ALA A 137 1.37 -18.57 -13.03
C ALA A 137 1.53 -19.74 -12.06
N PRO A 138 2.10 -20.88 -12.53
CA PRO A 138 2.28 -22.06 -11.68
C PRO A 138 2.93 -21.77 -10.32
N LEU A 139 3.86 -20.81 -10.28
CA LEU A 139 4.56 -20.44 -9.06
C LEU A 139 4.22 -19.03 -8.62
N ALA A 140 2.98 -18.61 -8.87
CA ALA A 140 2.52 -17.27 -8.56
C ALA A 140 2.79 -16.86 -7.11
N GLU A 141 2.39 -17.71 -6.17
CA GLU A 141 2.53 -17.43 -4.74
C GLU A 141 3.99 -17.23 -4.32
N GLU A 142 4.83 -18.19 -4.68
CA GLU A 142 6.28 -18.14 -4.41
C GLU A 142 6.93 -16.87 -4.95
N TRP A 143 6.59 -16.47 -6.18
CA TRP A 143 7.17 -15.27 -6.79
C TRP A 143 6.58 -13.96 -6.22
N ASP A 144 5.32 -14.01 -5.81
CA ASP A 144 4.64 -12.85 -5.22
C ASP A 144 5.05 -12.57 -3.77
N ASN A 145 5.48 -13.61 -3.06
CA ASN A 145 5.88 -13.48 -1.65
C ASN A 145 7.32 -12.99 -1.51
N MET A 146 7.88 -12.58 -2.63
CA MET A 146 9.27 -12.23 -2.79
C MET A 146 9.35 -10.82 -3.36
N THR A 147 10.24 -9.98 -2.83
CA THR A 147 10.52 -8.69 -3.46
C THR A 147 11.44 -8.89 -4.69
N MET A 148 11.46 -7.91 -5.59
CA MET A 148 12.45 -7.94 -6.66
C MET A 148 13.89 -7.93 -6.15
N LYS A 149 14.12 -7.33 -4.98
CA LYS A 149 15.47 -7.31 -4.41
C LYS A 149 15.95 -8.72 -4.08
N GLU A 150 15.08 -9.49 -3.41
CA GLU A 150 15.34 -10.90 -3.10
C GLU A 150 15.66 -11.71 -4.36
N LEU A 151 14.93 -11.44 -5.44
CA LEU A 151 15.15 -12.15 -6.71
C LEU A 151 16.49 -11.80 -7.34
N LEU A 152 16.85 -10.51 -7.34
CA LEU A 152 18.17 -10.06 -7.80
C LEU A 152 19.31 -10.65 -6.99
N ASP A 153 19.15 -10.67 -5.66
CA ASP A 153 20.16 -11.23 -4.76
C ASP A 153 20.48 -12.69 -5.09
N LYS A 154 19.48 -13.46 -5.50
CA LYS A 154 19.72 -14.87 -5.81
C LYS A 154 20.07 -15.17 -7.28
N LEU A 155 19.66 -14.30 -8.21
CA LEU A 155 19.95 -14.51 -9.64
C LEU A 155 21.31 -13.98 -10.05
N CYS A 156 21.70 -12.84 -9.50
CA CYS A 156 22.90 -12.13 -9.93
C CYS A 156 24.11 -12.54 -9.11
N TRP A 157 25.05 -13.21 -9.77
CA TRP A 157 26.28 -13.65 -9.11
C TRP A 157 27.41 -12.61 -9.17
N THR A 158 27.14 -11.49 -9.86
CA THR A 158 28.06 -10.35 -9.90
C THR A 158 27.35 -9.09 -9.40
N GLU A 159 28.11 -8.16 -8.82
CA GLU A 159 27.57 -6.87 -8.41
C GLU A 159 27.20 -6.02 -9.62
N SER A 160 27.95 -6.19 -10.70
CA SER A 160 27.72 -5.46 -11.94
C SER A 160 26.32 -5.69 -12.51
N ALA A 161 25.89 -6.95 -12.55
CA ALA A 161 24.56 -7.30 -13.05
C ALA A 161 23.48 -6.86 -12.06
N LYS A 162 23.77 -6.99 -10.77
CA LYS A 162 22.83 -6.57 -9.72
C LYS A 162 22.60 -5.06 -9.76
N GLN A 163 23.69 -4.31 -9.94
CA GLN A 163 23.65 -2.85 -10.13
C GLN A 163 22.77 -2.45 -11.31
N LEU A 164 23.00 -3.06 -12.48
CA LEU A 164 22.26 -2.74 -13.70
C LEU A 164 20.80 -3.14 -13.60
N ALA A 165 20.54 -4.29 -12.98
CA ALA A 165 19.18 -4.79 -12.75
C ALA A 165 18.38 -3.90 -11.80
N THR A 166 19.07 -3.33 -10.80
CA THR A 166 18.43 -2.42 -9.85
C THR A 166 17.93 -1.14 -10.55
N LEU A 167 18.81 -0.54 -11.35
CA LEU A 167 18.48 0.65 -12.14
C LEU A 167 17.36 0.34 -13.14
N PHE A 168 17.44 -0.81 -13.78
CA PHE A 168 16.38 -1.32 -14.66
C PHE A 168 15.00 -1.29 -13.97
N VAL A 169 14.93 -1.84 -12.75
CA VAL A 169 13.69 -1.85 -11.98
C VAL A 169 13.25 -0.42 -11.60
N ASN A 170 14.17 0.37 -11.04
CA ASN A 170 13.88 1.77 -10.71
C ASN A 170 13.30 2.53 -11.92
N LEU A 171 13.94 2.35 -13.08
CA LEU A 171 13.55 3.06 -14.31
C LEU A 171 12.20 2.60 -14.86
N CYS A 172 11.92 1.31 -14.80
CA CYS A 172 10.70 0.74 -15.34
C CYS A 172 9.46 1.09 -14.52
N VAL A 173 9.62 1.09 -13.19
CA VAL A 173 8.46 1.16 -12.29
C VAL A 173 8.55 2.22 -11.18
N THR A 174 9.50 3.15 -11.32
CA THR A 174 9.70 4.28 -10.38
C THR A 174 9.58 3.87 -8.91
N ALA A 175 10.18 2.73 -8.60
CA ALA A 175 10.16 2.17 -7.25
C ALA A 175 11.44 1.37 -6.99
N GLU A 176 11.76 1.20 -5.71
CA GLU A 176 12.92 0.44 -5.29
C GLU A 176 12.66 -1.04 -5.44
N THR A 177 13.72 -1.82 -5.63
CA THR A 177 13.59 -3.28 -5.80
C THR A 177 12.96 -3.95 -4.58
N HIS A 178 13.23 -3.39 -3.40
CA HIS A 178 12.70 -3.93 -2.15
C HIS A 178 11.21 -3.60 -1.90
N GLU A 179 10.64 -2.71 -2.69
CA GLU A 179 9.24 -2.27 -2.53
C GLU A 179 8.24 -3.10 -3.33
N VAL A 180 8.71 -3.73 -4.40
CA VAL A 180 7.81 -4.35 -5.37
C VAL A 180 7.84 -5.88 -5.32
N SER A 181 6.67 -6.49 -5.56
CA SER A 181 6.56 -7.93 -5.76
C SER A 181 7.36 -8.37 -6.98
N ALA A 182 8.07 -9.50 -6.84
CA ALA A 182 8.79 -10.07 -7.97
C ALA A 182 7.81 -10.55 -9.04
N LEU A 183 6.74 -11.23 -8.65
CA LEU A 183 5.70 -11.66 -9.60
C LEU A 183 5.12 -10.48 -10.39
N TRP A 184 4.76 -9.42 -9.67
CA TRP A 184 4.24 -8.22 -10.32
C TRP A 184 5.22 -7.60 -11.33
N PHE A 185 6.48 -7.43 -10.94
CA PHE A 185 7.44 -6.81 -11.84
C PHE A 185 7.73 -7.67 -13.07
N LEU A 186 7.79 -8.99 -12.89
CA LEU A 186 7.96 -9.94 -13.99
C LEU A 186 6.77 -9.91 -14.95
N TRP A 187 5.56 -9.77 -14.40
CA TRP A 187 4.36 -9.59 -15.21
C TRP A 187 4.46 -8.30 -16.02
N TYR A 188 4.80 -7.22 -15.34
CA TYR A 188 4.85 -5.88 -15.91
C TYR A 188 5.78 -5.80 -17.13
N VAL A 189 6.95 -6.43 -17.05
CA VAL A 189 7.89 -6.48 -18.17
C VAL A 189 7.35 -7.36 -19.30
N LYS A 190 6.86 -8.55 -18.92
CA LYS A 190 6.27 -9.51 -19.87
C LYS A 190 5.13 -8.90 -20.71
N GLN A 191 4.23 -8.16 -20.06
CA GLN A 191 3.08 -7.59 -20.73
C GLN A 191 3.41 -6.35 -21.59
N CYS A 192 4.68 -5.91 -21.51
CA CYS A 192 5.21 -4.88 -22.40
C CYS A 192 6.05 -5.50 -23.53
N GLY A 193 5.96 -6.83 -23.69
CA GLY A 193 6.69 -7.54 -24.74
C GLY A 193 8.09 -8.03 -24.41
N GLY A 194 8.52 -7.88 -23.15
CA GLY A 194 9.81 -8.41 -22.70
C GLY A 194 10.87 -7.37 -22.41
N THR A 195 12.01 -7.80 -21.89
CA THR A 195 13.06 -6.88 -21.42
C THR A 195 13.60 -5.97 -22.52
N THR A 196 13.89 -6.53 -23.70
CA THR A 196 14.39 -5.76 -24.84
C THR A 196 13.40 -4.71 -25.34
N ARG A 197 12.15 -5.11 -25.53
CA ARG A 197 11.10 -4.20 -25.97
C ARG A 197 10.90 -3.05 -25.00
N ILE A 198 10.93 -3.34 -23.70
CA ILE A 198 10.66 -2.32 -22.68
C ILE A 198 11.80 -1.31 -22.54
N ILE A 199 13.04 -1.75 -22.70
CA ILE A 199 14.20 -0.86 -22.50
C ILE A 199 14.67 -0.13 -23.75
N SER A 200 14.21 -0.57 -24.92
CA SER A 200 14.76 -0.05 -26.17
C SER A 200 14.16 1.28 -26.59
N THR A 201 15.00 2.14 -27.17
CA THR A 201 14.54 3.31 -27.88
C THR A 201 14.18 2.86 -29.31
N THR A 202 15.17 2.61 -30.15
CA THR A 202 14.94 1.99 -31.46
C THR A 202 14.27 0.63 -31.26
N ASN A 203 13.14 0.42 -31.95
CA ASN A 203 12.34 -0.82 -31.84
C ASN A 203 11.75 -1.09 -30.45
N GLY A 204 11.64 -0.05 -29.62
CA GLY A 204 11.11 -0.22 -28.26
C GLY A 204 10.14 0.86 -27.83
N GLY A 205 9.83 0.85 -26.53
CA GLY A 205 8.86 1.77 -25.93
C GLY A 205 9.21 3.25 -26.01
N GLN A 206 10.50 3.56 -26.14
CA GLN A 206 10.95 4.96 -26.13
C GLN A 206 11.30 5.48 -27.53
N GLU A 207 10.87 4.77 -28.56
CA GLU A 207 11.24 5.09 -29.94
C GLU A 207 10.79 6.46 -30.40
N ARG A 208 9.58 6.85 -30.01
CA ARG A 208 8.92 8.01 -30.57
C ARG A 208 8.21 8.89 -29.54
N LYS A 209 7.98 10.14 -29.92
CA LYS A 209 7.12 11.08 -29.18
C LYS A 209 6.13 11.68 -30.17
N PHE A 210 5.05 12.27 -29.67
CA PHE A 210 4.10 12.99 -30.52
C PHE A 210 4.56 14.41 -30.82
N VAL A 211 4.41 14.81 -32.09
CA VAL A 211 4.66 16.20 -32.49
C VAL A 211 3.59 17.08 -31.84
N GLY A 212 4.04 18.05 -31.03
CA GLY A 212 3.13 18.95 -30.33
C GLY A 212 2.76 18.52 -28.92
N GLY A 213 3.12 17.29 -28.56
CA GLY A 213 2.84 16.75 -27.24
C GLY A 213 1.73 15.71 -27.20
N SER A 214 1.80 14.83 -26.19
CA SER A 214 0.81 13.79 -25.96
C SER A 214 -0.47 14.31 -25.29
N GLY A 215 -0.40 15.48 -24.67
CA GLY A 215 -1.57 16.13 -24.08
C GLY A 215 -2.67 16.40 -25.10
N GLN A 216 -2.27 16.55 -26.36
CA GLN A 216 -3.20 16.73 -27.49
C GLN A 216 -4.20 15.59 -27.64
N VAL A 217 -3.80 14.37 -27.30
CA VAL A 217 -4.70 13.21 -27.39
C VAL A 217 -6.00 13.50 -26.65
N SER A 218 -5.89 13.81 -25.36
CA SER A 218 -7.03 14.10 -24.51
C SER A 218 -7.72 15.42 -24.87
N GLU A 219 -6.93 16.42 -25.27
CA GLU A 219 -7.46 17.74 -25.63
C GLU A 219 -8.34 17.67 -26.87
N ARG A 220 -7.89 16.91 -27.87
CA ARG A 220 -8.64 16.77 -29.13
C ARG A 220 -9.90 15.91 -28.97
N ILE A 221 -9.85 14.95 -28.04
CA ILE A 221 -11.07 14.17 -27.71
C ILE A 221 -12.07 15.07 -26.96
N MET A 222 -11.57 15.96 -26.11
CA MET A 222 -12.41 16.95 -25.44
C MET A 222 -13.13 17.87 -26.44
N ASP A 223 -12.41 18.29 -27.50
CA ASP A 223 -13.00 19.13 -28.55
C ASP A 223 -14.09 18.40 -29.32
N LEU A 224 -13.92 17.09 -29.51
CA LEU A 224 -14.93 16.25 -30.15
C LEU A 224 -16.19 16.13 -29.31
N LEU A 225 -16.02 16.05 -27.99
CA LEU A 225 -17.13 15.81 -27.07
C LEU A 225 -17.80 17.10 -26.61
N GLY A 226 -17.12 18.23 -26.82
CA GLY A 226 -17.67 19.54 -26.46
C GLY A 226 -18.01 19.66 -25.00
N ASP A 227 -19.23 20.14 -24.73
CA ASP A 227 -19.70 20.42 -23.37
C ASP A 227 -19.90 19.17 -22.48
N ARG A 228 -19.71 17.98 -23.06
CA ARG A 228 -19.88 16.73 -22.31
C ARG A 228 -18.74 16.47 -21.33
N VAL A 229 -17.62 17.16 -21.49
CA VAL A 229 -16.53 17.11 -20.52
C VAL A 229 -16.72 18.21 -19.48
N LYS A 230 -16.68 17.83 -18.20
CA LYS A 230 -16.93 18.74 -17.10
C LYS A 230 -15.67 18.88 -16.26
N LEU A 231 -14.97 20.00 -16.42
CA LEU A 231 -13.74 20.28 -15.71
C LEU A 231 -14.02 20.77 -14.28
N GLU A 232 -13.06 20.51 -13.38
CA GLU A 232 -13.17 20.87 -11.97
C GLU A 232 -14.42 20.26 -11.32
N ARG A 233 -14.62 18.97 -11.59
CA ARG A 233 -15.66 18.18 -10.97
C ARG A 233 -15.06 16.90 -10.34
N PRO A 234 -14.35 17.05 -9.19
CA PRO A 234 -13.88 15.84 -8.52
C PRO A 234 -15.08 15.06 -7.97
N VAL A 235 -15.15 13.78 -8.31
CA VAL A 235 -16.23 12.90 -7.83
C VAL A 235 -15.97 12.51 -6.37
N ILE A 236 -17.01 12.64 -5.54
CA ILE A 236 -16.90 12.36 -4.10
C ILE A 236 -17.75 11.19 -3.63
N TYR A 237 -18.75 10.83 -4.42
CA TYR A 237 -19.81 9.94 -3.97
C TYR A 237 -20.47 9.20 -5.13
N ILE A 238 -20.62 7.89 -4.97
CA ILE A 238 -21.33 7.07 -5.95
C ILE A 238 -22.41 6.24 -5.24
N ASP A 239 -23.66 6.43 -5.66
CA ASP A 239 -24.81 5.77 -5.08
C ASP A 239 -25.44 4.83 -6.10
N GLN A 240 -25.48 3.54 -5.76
CA GLN A 240 -26.04 2.52 -6.64
C GLN A 240 -27.27 1.83 -6.06
N THR A 241 -27.84 2.41 -4.99
CA THR A 241 -28.96 1.80 -4.28
C THR A 241 -30.29 1.81 -5.04
N ARG A 242 -30.52 2.82 -5.87
CA ARG A 242 -31.73 2.85 -6.69
C ARG A 242 -31.50 2.44 -8.15
N GLU A 243 -32.55 2.56 -8.96
CA GLU A 243 -32.56 2.11 -10.36
C GLU A 243 -31.55 2.79 -11.27
N ASN A 244 -31.27 4.07 -11.01
CA ASN A 244 -30.24 4.80 -11.71
C ASN A 244 -29.04 5.06 -10.79
N VAL A 245 -27.84 5.05 -11.35
CA VAL A 245 -26.64 5.35 -10.59
C VAL A 245 -26.51 6.87 -10.41
N LEU A 246 -26.29 7.29 -9.16
CA LEU A 246 -26.10 8.70 -8.84
C LEU A 246 -24.64 8.99 -8.52
N VAL A 247 -24.06 9.93 -9.25
CA VAL A 247 -22.68 10.34 -9.09
C VAL A 247 -22.63 11.80 -8.65
N GLU A 248 -22.11 12.04 -7.45
CA GLU A 248 -22.03 13.40 -6.91
C GLU A 248 -20.59 13.92 -6.97
N THR A 249 -20.46 15.22 -7.27
CA THR A 249 -19.15 15.89 -7.32
C THR A 249 -18.92 16.83 -6.13
N LEU A 250 -17.69 17.33 -6.00
CA LEU A 250 -17.30 18.20 -4.88
C LEU A 250 -18.10 19.52 -4.81
N ASN A 251 -18.51 20.02 -5.98
CA ASN A 251 -19.35 21.23 -6.06
C ASN A 251 -20.87 20.96 -5.91
N HIS A 252 -21.19 19.74 -5.50
CA HIS A 252 -22.57 19.28 -5.24
C HIS A 252 -23.47 19.22 -6.47
N GLU A 253 -22.86 19.01 -7.63
CA GLU A 253 -23.62 18.65 -8.82
C GLU A 253 -23.92 17.17 -8.78
N MET A 254 -25.11 16.80 -9.22
CA MET A 254 -25.54 15.41 -9.27
C MET A 254 -25.70 14.95 -10.70
N TYR A 255 -25.16 13.76 -10.99
CA TYR A 255 -25.25 13.17 -12.32
C TYR A 255 -25.86 11.78 -12.23
N GLU A 256 -26.83 11.54 -13.10
CA GLU A 256 -27.57 10.29 -13.12
C GLU A 256 -27.24 9.51 -14.39
N ALA A 257 -26.92 8.23 -14.24
CA ALA A 257 -26.53 7.40 -15.39
C ALA A 257 -26.94 5.94 -15.23
N LYS A 258 -27.02 5.23 -16.35
CA LYS A 258 -27.23 3.79 -16.35
C LYS A 258 -25.99 3.07 -15.80
N TYR A 259 -24.81 3.50 -16.25
CA TYR A 259 -23.53 2.86 -15.90
C TYR A 259 -22.44 3.89 -15.61
N VAL A 260 -21.41 3.46 -14.90
CA VAL A 260 -20.26 4.31 -14.60
C VAL A 260 -18.95 3.61 -14.99
N ILE A 261 -18.05 4.37 -15.62
CA ILE A 261 -16.68 3.93 -15.82
C ILE A 261 -15.76 4.68 -14.85
N SER A 262 -15.07 3.93 -13.99
CA SER A 262 -14.01 4.48 -13.16
C SER A 262 -12.68 4.43 -13.92
N ALA A 263 -12.20 5.60 -14.35
CA ALA A 263 -11.01 5.69 -15.19
C ALA A 263 -9.89 6.47 -14.47
N ILE A 264 -9.80 6.23 -13.16
CA ILE A 264 -8.82 6.85 -12.28
C ILE A 264 -7.87 5.76 -11.75
N PRO A 265 -6.65 6.13 -11.33
CA PRO A 265 -5.77 5.14 -10.67
C PRO A 265 -6.49 4.41 -9.55
N PRO A 266 -6.32 3.08 -9.46
CA PRO A 266 -7.11 2.26 -8.54
C PRO A 266 -7.17 2.77 -7.09
N THR A 267 -6.05 3.22 -6.53
CA THR A 267 -6.07 3.72 -5.15
C THR A 267 -6.85 5.04 -4.99
N LEU A 268 -6.99 5.80 -6.07
CA LEU A 268 -7.75 7.04 -6.04
C LEU A 268 -9.26 6.81 -5.94
N GLY A 269 -9.69 5.56 -6.09
CA GLY A 269 -11.05 5.15 -5.77
C GLY A 269 -11.40 5.44 -4.31
N MET A 270 -10.36 5.58 -3.49
CA MET A 270 -10.53 5.89 -2.07
CA MET A 270 -10.50 5.89 -2.07
C MET A 270 -11.10 7.27 -1.84
N LYS A 271 -10.95 8.15 -2.83
CA LYS A 271 -11.44 9.53 -2.73
C LYS A 271 -12.95 9.61 -2.89
N ILE A 272 -13.55 8.46 -3.21
CA ILE A 272 -14.98 8.36 -3.46
C ILE A 272 -15.61 7.55 -2.34
N HIS A 273 -16.72 8.06 -1.82
CA HIS A 273 -17.51 7.37 -0.82
C HIS A 273 -18.56 6.55 -1.55
N PHE A 274 -18.65 5.27 -1.21
CA PHE A 274 -19.54 4.36 -1.92
C PHE A 274 -20.77 3.96 -1.13
N ASN A 275 -21.91 3.97 -1.81
CA ASN A 275 -23.17 3.47 -1.26
C ASN A 275 -23.85 2.59 -2.32
N PRO A 276 -23.99 1.27 -2.05
CA PRO A 276 -23.56 0.60 -0.81
C PRO A 276 -22.04 0.46 -0.76
N PRO A 277 -21.48 0.04 0.39
CA PRO A 277 -20.02 -0.13 0.47
C PRO A 277 -19.51 -1.06 -0.62
N LEU A 278 -18.28 -0.84 -1.08
CA LEU A 278 -17.62 -1.76 -2.00
C LEU A 278 -17.53 -3.15 -1.36
N PRO A 279 -17.49 -4.22 -2.19
CA PRO A 279 -17.24 -5.54 -1.61
C PRO A 279 -15.88 -5.59 -0.90
N MET A 280 -15.76 -6.52 0.03
CA MET A 280 -14.59 -6.67 0.89
C MET A 280 -13.24 -6.60 0.16
N MET A 281 -13.10 -7.36 -0.92
CA MET A 281 -11.83 -7.42 -1.65
C MET A 281 -11.41 -6.12 -2.33
N ARG A 282 -12.35 -5.43 -3.00
CA ARG A 282 -12.02 -4.11 -3.58
C ARG A 282 -11.73 -3.05 -2.51
N ASN A 283 -12.52 -3.08 -1.43
CA ASN A 283 -12.37 -2.17 -0.30
C ASN A 283 -10.94 -2.15 0.25
N GLN A 284 -10.36 -3.33 0.40
CA GLN A 284 -8.98 -3.46 0.87
C GLN A 284 -7.95 -3.29 -0.25
N MET A 285 -8.27 -3.76 -1.45
CA MET A 285 -7.34 -3.65 -2.60
C MET A 285 -6.89 -2.20 -2.82
N ILE A 286 -7.84 -1.27 -2.77
CA ILE A 286 -7.54 0.14 -3.03
C ILE A 286 -6.66 0.84 -1.98
N THR A 287 -6.39 0.15 -0.87
CA THR A 287 -5.48 0.64 0.18
C THR A 287 -4.08 0.04 0.03
N ARG A 288 -3.95 -0.88 -0.91
CA ARG A 288 -2.76 -1.72 -1.06
C ARG A 288 -1.92 -1.43 -2.31
N VAL A 289 -2.32 -0.44 -3.10
CA VAL A 289 -1.76 -0.25 -4.45
C VAL A 289 -1.26 1.19 -4.71
N PRO A 290 -0.05 1.51 -4.21
CA PRO A 290 0.52 2.84 -4.38
C PRO A 290 1.11 3.08 -5.77
N LEU A 291 1.33 4.34 -6.12
CA LEU A 291 2.01 4.68 -7.38
C LEU A 291 3.46 5.07 -7.08
N GLY A 292 4.32 4.89 -8.08
CA GLY A 292 5.74 5.16 -7.92
C GLY A 292 6.08 6.64 -7.76
N SER A 293 7.37 6.93 -7.61
CA SER A 293 7.85 8.27 -7.38
C SER A 293 8.85 8.70 -8.46
N VAL A 294 8.57 9.82 -9.10
CA VAL A 294 9.41 10.35 -10.19
C VAL A 294 9.27 11.86 -10.30
N ILE A 295 10.40 12.53 -10.56
CA ILE A 295 10.40 13.92 -11.03
C ILE A 295 10.91 13.88 -12.47
N LYS A 296 10.16 14.46 -13.40
CA LYS A 296 10.63 14.57 -14.77
C LYS A 296 11.21 15.95 -15.00
N CYS A 297 12.44 15.98 -15.50
CA CYS A 297 13.23 17.21 -15.59
C CYS A 297 13.78 17.38 -17.00
N ILE A 298 13.62 18.58 -17.55
CA ILE A 298 14.15 18.91 -18.88
C ILE A 298 15.08 20.13 -18.81
N VAL A 299 16.35 19.91 -19.15
CA VAL A 299 17.35 20.99 -19.19
C VAL A 299 17.61 21.41 -20.64
N TYR A 300 17.38 22.69 -20.92
CA TYR A 300 17.54 23.24 -22.26
C TYR A 300 18.90 23.88 -22.45
N TYR A 301 19.41 23.75 -23.69
CA TYR A 301 20.70 24.28 -24.07
C TYR A 301 20.59 25.01 -25.40
N LYS A 302 21.59 25.83 -25.71
CA LYS A 302 21.63 26.57 -26.96
C LYS A 302 21.71 25.64 -28.18
N GLU A 303 22.43 24.53 -28.03
CA GLU A 303 22.68 23.56 -29.09
C GLU A 303 22.66 22.15 -28.50
N PRO A 304 22.31 21.14 -29.33
CA PRO A 304 22.47 19.75 -28.87
C PRO A 304 23.94 19.33 -28.98
N PHE A 305 24.79 20.00 -28.21
CA PHE A 305 26.25 19.88 -28.26
C PHE A 305 26.77 18.46 -28.12
N TRP A 306 26.00 17.60 -27.46
CA TRP A 306 26.40 16.21 -27.20
C TRP A 306 26.57 15.41 -28.50
N ARG A 307 25.78 15.76 -29.52
CA ARG A 307 25.86 15.12 -30.84
C ARG A 307 27.20 15.35 -31.52
N LYS A 308 27.80 16.51 -31.27
CA LYS A 308 29.11 16.87 -31.82
C LYS A 308 30.24 15.98 -31.26
N LYS A 309 30.04 15.48 -30.05
CA LYS A 309 30.95 14.50 -29.45
C LYS A 309 30.56 13.06 -29.77
N ASP A 310 29.60 12.90 -30.70
CA ASP A 310 29.08 11.60 -31.11
C ASP A 310 28.39 10.88 -29.96
N TYR A 311 27.59 11.64 -29.22
CA TYR A 311 26.68 11.14 -28.20
C TYR A 311 25.26 11.49 -28.60
N CYS A 312 24.33 10.54 -28.52
CA CYS A 312 22.95 10.81 -28.92
C CYS A 312 22.15 11.56 -27.85
N GLY A 313 22.59 11.44 -26.60
CA GLY A 313 21.93 12.11 -25.49
C GLY A 313 21.42 11.14 -24.45
N THR A 314 21.43 9.85 -24.81
CA THR A 314 21.05 8.78 -23.91
C THR A 314 22.19 8.50 -22.93
N MET A 315 21.86 8.55 -21.65
CA MET A 315 22.80 8.24 -20.60
C MET A 315 22.12 7.28 -19.64
N ILE A 316 22.81 6.20 -19.32
CA ILE A 316 22.37 5.26 -18.29
C ILE A 316 23.34 5.46 -17.13
N ILE A 317 22.86 6.09 -16.06
CA ILE A 317 23.75 6.58 -15.02
C ILE A 317 23.58 5.85 -13.69
N ASP A 318 24.58 5.05 -13.34
CA ASP A 318 24.58 4.27 -12.11
C ASP A 318 25.42 4.95 -11.03
N GLY A 319 24.83 5.10 -9.85
CA GLY A 319 25.54 5.70 -8.73
C GLY A 319 24.57 6.43 -7.83
N GLU A 320 24.74 6.24 -6.52
CA GLU A 320 23.90 6.92 -5.53
C GLU A 320 24.03 8.44 -5.61
N GLU A 321 25.21 8.92 -6.01
CA GLU A 321 25.49 10.35 -6.15
C GLU A 321 24.72 11.00 -7.30
N ALA A 322 24.37 10.21 -8.30
CA ALA A 322 23.68 10.73 -9.48
C ALA A 322 22.19 10.93 -9.22
N PRO A 323 21.74 12.20 -9.21
CA PRO A 323 20.30 12.48 -9.02
C PRO A 323 19.43 11.82 -10.10
N VAL A 324 19.94 11.81 -11.35
CA VAL A 324 19.23 11.25 -12.50
C VAL A 324 19.91 9.96 -12.96
N ALA A 325 19.13 8.89 -13.11
CA ALA A 325 19.67 7.59 -13.56
C ALA A 325 19.52 7.34 -15.06
N TYR A 326 18.65 8.12 -15.71
CA TYR A 326 18.35 7.93 -17.13
C TYR A 326 17.97 9.22 -17.82
N THR A 327 18.58 9.44 -18.98
CA THR A 327 18.27 10.61 -19.80
C THR A 327 17.98 10.23 -21.24
N LEU A 328 17.29 11.12 -21.95
CA LEU A 328 17.14 11.02 -23.41
C LEU A 328 17.25 12.42 -24.01
N ASP A 329 17.69 12.49 -25.25
CA ASP A 329 17.67 13.71 -26.04
C ASP A 329 16.22 14.13 -26.21
N ASP A 330 15.91 15.39 -25.88
CA ASP A 330 14.55 15.90 -25.97
C ASP A 330 14.46 17.09 -26.94
N THR A 331 15.50 17.27 -27.73
CA THR A 331 15.51 18.25 -28.83
C THR A 331 14.32 18.02 -29.77
N LYS A 332 13.75 19.12 -30.26
CA LYS A 332 12.66 19.07 -31.24
C LYS A 332 13.14 18.39 -32.53
N PRO A 333 12.22 17.79 -33.31
CA PRO A 333 12.61 17.10 -34.54
C PRO A 333 13.23 18.06 -35.58
N GLU A 334 12.89 19.34 -35.48
CA GLU A 334 13.45 20.35 -36.38
C GLU A 334 14.90 20.67 -36.00
N GLY A 335 15.33 20.18 -34.83
CA GLY A 335 16.70 20.35 -34.36
C GLY A 335 16.92 21.51 -33.42
N ASN A 336 15.85 22.24 -33.10
CA ASN A 336 15.92 23.37 -32.16
C ASN A 336 15.34 23.04 -30.78
N TYR A 337 15.43 24.01 -29.86
CA TYR A 337 15.09 23.84 -28.44
C TYR A 337 15.83 22.63 -27.87
N ALA A 338 17.15 22.60 -28.11
CA ALA A 338 18.03 21.55 -27.62
C ALA A 338 17.77 21.29 -26.14
N ALA A 339 17.50 20.02 -25.82
CA ALA A 339 17.10 19.66 -24.47
C ALA A 339 17.54 18.27 -24.08
N ILE A 340 17.83 18.08 -22.79
CA ILE A 340 18.06 16.78 -22.20
C ILE A 340 16.94 16.50 -21.20
N MET A 341 16.23 15.38 -21.41
CA MET A 341 15.20 14.90 -20.50
C MET A 341 15.83 13.89 -19.54
N GLY A 342 15.55 14.02 -18.24
CA GLY A 342 16.00 13.06 -17.24
C GLY A 342 14.95 12.76 -16.18
N PHE A 343 14.99 11.54 -15.64
CA PHE A 343 14.08 11.12 -14.57
C PHE A 343 14.83 11.02 -13.24
N ILE A 344 14.26 11.64 -12.20
CA ILE A 344 14.74 11.41 -10.83
C ILE A 344 13.84 10.35 -10.24
N LEU A 345 14.42 9.21 -9.87
CA LEU A 345 13.65 8.00 -9.59
C LEU A 345 13.55 7.58 -8.12
N ALA A 346 12.35 7.18 -7.73
CA ALA A 346 12.10 6.50 -6.44
C ALA A 346 12.61 7.28 -5.24
N HIS A 347 13.50 6.70 -4.41
CA HIS A 347 13.97 7.40 -3.20
C HIS A 347 14.68 8.72 -3.49
N LYS A 348 15.19 8.89 -4.70
CA LYS A 348 15.85 10.14 -5.09
C LYS A 348 14.85 11.26 -5.37
N ALA A 349 13.66 10.91 -5.90
CA ALA A 349 12.58 11.87 -6.06
C ALA A 349 12.15 12.45 -4.70
N ARG A 350 12.01 11.55 -3.72
CA ARG A 350 11.78 11.91 -2.32
C ARG A 350 12.85 12.83 -1.76
N LYS A 351 14.12 12.44 -1.94
CA LYS A 351 15.25 13.19 -1.41
C LYS A 351 15.45 14.56 -2.07
N LEU A 352 15.45 14.59 -3.41
CA LEU A 352 15.75 15.82 -4.14
C LEU A 352 14.61 16.86 -4.18
N ALA A 353 13.42 16.42 -3.81
CA ALA A 353 12.26 17.33 -3.71
C ALA A 353 12.42 18.38 -2.61
N ARG A 354 13.34 18.14 -1.68
CA ARG A 354 13.65 19.09 -0.60
C ARG A 354 14.34 20.35 -1.14
N LEU A 355 15.05 20.20 -2.25
CA LEU A 355 15.80 21.30 -2.86
C LEU A 355 14.89 22.27 -3.59
N THR A 356 15.45 23.40 -4.02
CA THR A 356 14.72 24.32 -4.89
C THR A 356 14.90 23.90 -6.35
N LYS A 357 14.02 24.42 -7.21
CA LYS A 357 14.12 24.26 -8.66
C LYS A 357 15.53 24.59 -9.18
N GLU A 358 16.13 25.65 -8.63
CA GLU A 358 17.44 26.11 -9.02
C GLU A 358 18.55 25.18 -8.54
N GLU A 359 18.41 24.63 -7.34
CA GLU A 359 19.37 23.67 -6.80
C GLU A 359 19.36 22.37 -7.59
N ARG A 360 18.17 21.87 -7.94
CA ARG A 360 18.03 20.69 -8.79
C ARG A 360 18.64 20.88 -10.19
N LEU A 361 18.33 22.00 -10.83
CA LEU A 361 18.93 22.34 -12.13
C LEU A 361 20.46 22.27 -12.06
N LYS A 362 21.03 22.87 -11.02
CA LYS A 362 22.48 22.92 -10.82
C LYS A 362 23.09 21.53 -10.74
N LYS A 363 22.53 20.70 -9.87
CA LYS A 363 22.97 19.31 -9.66
C LYS A 363 22.88 18.46 -10.92
N LEU A 364 21.87 18.71 -11.76
CA LEU A 364 21.70 17.98 -13.02
C LEU A 364 22.76 18.36 -14.05
N CYS A 365 22.99 19.67 -14.21
CA CYS A 365 24.02 20.17 -15.12
C CYS A 365 25.40 19.66 -14.74
N GLU A 366 25.69 19.68 -13.45
CA GLU A 366 26.96 19.18 -12.91
C GLU A 366 27.12 17.69 -13.17
N LEU A 367 26.02 16.96 -13.07
CA LEU A 367 25.99 15.55 -13.42
C LEU A 367 26.24 15.33 -14.91
N TYR A 368 25.46 16.00 -15.75
CA TYR A 368 25.59 15.87 -17.21
C TYR A 368 26.97 16.29 -17.70
N ALA A 369 27.53 17.36 -17.11
CA ALA A 369 28.86 17.82 -17.48
C ALA A 369 29.92 16.73 -17.27
N LYS A 370 29.84 16.04 -16.13
CA LYS A 370 30.73 14.92 -15.85
C LYS A 370 30.50 13.73 -16.79
N VAL A 371 29.23 13.35 -16.97
CA VAL A 371 28.90 12.18 -17.79
C VAL A 371 29.26 12.37 -19.26
N LEU A 372 28.99 13.56 -19.79
CA LEU A 372 29.24 13.88 -21.20
C LEU A 372 30.65 14.41 -21.43
N GLY A 373 31.41 14.59 -20.34
CA GLY A 373 32.73 15.21 -20.40
C GLY A 373 32.72 16.56 -21.09
N SER A 374 31.68 17.34 -20.82
CA SER A 374 31.44 18.61 -21.50
C SER A 374 31.12 19.75 -20.54
N LEU A 375 31.98 20.77 -20.55
CA LEU A 375 31.71 22.02 -19.81
C LEU A 375 30.45 22.74 -20.30
N GLU A 376 30.14 22.58 -21.59
CA GLU A 376 28.92 23.16 -22.19
C GLU A 376 27.64 22.84 -21.42
N ALA A 377 27.62 21.68 -20.75
CA ALA A 377 26.47 21.22 -19.98
C ALA A 377 26.19 22.06 -18.74
N LEU A 378 27.16 22.90 -18.35
CA LEU A 378 27.01 23.80 -17.22
C LEU A 378 26.36 25.13 -17.63
N GLU A 379 25.96 25.24 -18.89
CA GLU A 379 25.33 26.46 -19.40
C GLU A 379 23.89 26.29 -19.91
N PRO A 380 22.95 25.91 -19.02
CA PRO A 380 21.56 25.78 -19.45
C PRO A 380 20.95 27.13 -19.82
N VAL A 381 20.01 27.14 -20.75
CA VAL A 381 19.31 28.36 -21.15
C VAL A 381 17.91 28.42 -20.55
N HIS A 382 17.39 27.26 -20.17
CA HIS A 382 16.06 27.12 -19.60
C HIS A 382 15.93 25.81 -18.83
N TYR A 383 14.90 25.71 -17.99
CA TYR A 383 14.62 24.52 -17.19
C TYR A 383 13.12 24.37 -16.99
N GLU A 384 12.62 23.15 -17.19
CA GLU A 384 11.25 22.77 -16.77
C GLU A 384 11.30 21.43 -16.03
N GLU A 385 10.39 21.25 -15.09
CA GLU A 385 10.31 20.02 -14.31
C GLU A 385 8.88 19.77 -13.82
N LYS A 386 8.57 18.53 -13.48
CA LYS A 386 7.32 18.22 -12.80
C LYS A 386 7.48 17.05 -11.83
N ASN A 387 7.19 17.31 -10.56
CA ASN A 387 7.19 16.32 -9.51
C ASN A 387 5.80 15.72 -9.39
N TRP A 388 5.64 14.48 -9.83
CA TRP A 388 4.33 13.84 -9.84
C TRP A 388 3.86 13.33 -8.46
N CYS A 389 4.77 13.24 -7.51
CA CYS A 389 4.47 12.81 -6.14
C CYS A 389 3.50 13.74 -5.40
N GLU A 390 3.46 15.00 -5.82
CA GLU A 390 2.62 16.01 -5.15
C GLU A 390 1.19 16.12 -5.72
N GLU A 391 0.91 15.35 -6.76
CA GLU A 391 -0.40 15.37 -7.42
C GLU A 391 -1.47 14.57 -6.68
N GLN A 392 -2.43 15.31 -6.10
CA GLN A 392 -3.57 14.73 -5.40
C GLN A 392 -4.40 13.82 -6.30
N TYR A 393 -4.52 14.20 -7.57
CA TYR A 393 -5.36 13.45 -8.51
C TYR A 393 -4.61 12.52 -9.49
N SER A 394 -3.34 12.24 -9.17
CA SER A 394 -2.57 11.18 -9.81
C SER A 394 -2.07 10.19 -8.77
N GLY A 395 -1.46 10.71 -7.70
CA GLY A 395 -0.90 9.89 -6.61
C GLY A 395 0.56 9.53 -6.82
N GLY A 396 1.08 9.86 -8.01
CA GLY A 396 2.44 9.54 -8.43
C GLY A 396 2.52 9.25 -9.92
N CYS A 397 3.66 8.69 -10.35
CA CYS A 397 3.89 8.27 -11.73
C CYS A 397 5.03 7.23 -11.76
N TYR A 398 5.13 6.41 -12.80
CA TYR A 398 4.23 6.43 -13.97
C TYR A 398 2.90 5.74 -13.67
N THR A 399 2.96 4.74 -12.80
CA THR A 399 1.82 3.85 -12.59
C THR A 399 1.84 3.20 -11.21
N THR A 400 0.86 2.32 -11.02
CA THR A 400 0.65 1.59 -9.78
C THR A 400 1.56 0.37 -9.70
N TYR A 401 2.28 0.24 -8.58
CA TYR A 401 3.05 -0.98 -8.33
C TYR A 401 2.38 -1.83 -7.24
N PHE A 402 2.75 -3.12 -7.21
CA PHE A 402 2.18 -4.05 -6.25
C PHE A 402 3.28 -4.53 -5.31
N PRO A 403 3.15 -4.20 -4.00
CA PRO A 403 4.03 -4.73 -2.95
C PRO A 403 3.91 -6.25 -2.85
N PRO A 404 4.89 -6.90 -2.21
CA PRO A 404 4.79 -8.36 -2.07
C PRO A 404 3.46 -8.86 -1.46
N GLY A 405 2.86 -9.86 -2.12
CA GLY A 405 1.68 -10.56 -1.60
C GLY A 405 0.33 -10.06 -2.05
N ILE A 406 0.31 -8.95 -2.78
CA ILE A 406 -0.93 -8.25 -3.10
C ILE A 406 -1.59 -8.74 -4.41
N LEU A 407 -0.80 -8.88 -5.47
CA LEU A 407 -1.33 -9.27 -6.78
C LEU A 407 -2.02 -10.63 -6.78
N THR A 408 -1.47 -11.61 -6.05
CA THR A 408 -2.10 -12.93 -5.94
C THR A 408 -3.37 -12.90 -5.09
N GLN A 409 -3.35 -12.11 -4.01
CA GLN A 409 -4.50 -12.03 -3.11
C GLN A 409 -5.63 -11.13 -3.62
N TYR A 410 -5.26 -10.04 -4.29
CA TYR A 410 -6.22 -8.99 -4.66
C TYR A 410 -6.28 -8.69 -6.16
N GLY A 411 -5.31 -9.18 -6.92
CA GLY A 411 -5.19 -8.85 -8.34
C GLY A 411 -6.41 -9.12 -9.20
N ARG A 412 -7.17 -10.17 -8.87
CA ARG A 412 -8.30 -10.58 -9.70
C ARG A 412 -9.51 -9.64 -9.71
N VAL A 413 -9.56 -8.68 -8.79
CA VAL A 413 -10.69 -7.75 -8.72
C VAL A 413 -10.44 -6.38 -9.36
N LEU A 414 -9.21 -6.11 -9.78
CA LEU A 414 -8.84 -4.83 -10.40
C LEU A 414 -9.87 -4.30 -11.40
N ARG A 415 -10.26 -5.14 -12.36
CA ARG A 415 -11.21 -4.75 -13.41
C ARG A 415 -12.54 -5.53 -13.33
N GLN A 416 -12.79 -6.13 -12.17
CA GLN A 416 -14.06 -6.78 -11.90
C GLN A 416 -15.14 -5.74 -11.60
N PRO A 417 -16.24 -5.73 -12.39
CA PRO A 417 -17.30 -4.75 -12.21
C PRO A 417 -17.94 -4.81 -10.83
N VAL A 418 -18.33 -3.66 -10.30
CA VAL A 418 -19.09 -3.59 -9.06
C VAL A 418 -20.48 -3.07 -9.40
N ASP A 419 -21.43 -4.00 -9.48
CA ASP A 419 -22.80 -3.71 -9.93
C ASP A 419 -22.75 -3.02 -11.31
N ARG A 420 -22.93 -1.71 -11.34
CA ARG A 420 -22.94 -0.97 -12.60
C ARG A 420 -21.69 -0.11 -12.85
N ILE A 421 -20.70 -0.26 -11.96
CA ILE A 421 -19.40 0.39 -12.14
C ILE A 421 -18.43 -0.55 -12.87
N TYR A 422 -17.85 -0.04 -13.97
CA TYR A 422 -16.88 -0.77 -14.76
C TYR A 422 -15.54 -0.04 -14.67
N PHE A 423 -14.44 -0.77 -14.79
CA PHE A 423 -13.13 -0.22 -14.45
C PHE A 423 -12.17 -0.12 -15.63
N ALA A 424 -11.75 1.11 -15.92
CA ALA A 424 -10.74 1.38 -16.94
C ALA A 424 -9.46 1.85 -16.25
N GLY A 425 -8.71 2.73 -16.92
CA GLY A 425 -7.40 3.16 -16.43
C GLY A 425 -6.32 2.19 -16.88
N THR A 426 -5.14 2.71 -17.19
CA THR A 426 -4.04 1.90 -17.72
C THR A 426 -3.70 0.69 -16.84
N GLU A 427 -3.89 0.82 -15.53
CA GLU A 427 -3.58 -0.23 -14.57
C GLU A 427 -4.34 -1.54 -14.79
N THR A 428 -5.45 -1.46 -15.52
CA THR A 428 -6.31 -2.62 -15.76
C THR A 428 -6.09 -3.25 -17.14
N ALA A 429 -5.08 -2.77 -17.86
CA ALA A 429 -4.77 -3.28 -19.20
C ALA A 429 -3.93 -4.55 -19.14
N THR A 430 -3.88 -5.27 -20.25
CA THR A 430 -3.17 -6.55 -20.33
C THR A 430 -1.95 -6.48 -21.27
N HIS A 431 -1.87 -5.38 -22.02
CA HIS A 431 -0.73 -5.14 -22.92
C HIS A 431 -0.32 -3.68 -22.79
N TRP A 432 0.90 -3.46 -22.30
CA TRP A 432 1.42 -2.13 -21.93
C TRP A 432 0.57 -1.42 -20.87
N SER A 433 0.10 -2.17 -19.88
CA SER A 433 -0.40 -1.58 -18.65
C SER A 433 0.69 -0.69 -18.07
N GLY A 434 0.29 0.48 -17.55
CA GLY A 434 1.23 1.49 -17.09
C GLY A 434 1.51 2.62 -18.07
N TYR A 435 1.10 2.41 -19.33
CA TYR A 435 1.42 3.30 -20.44
C TYR A 435 0.16 3.95 -21.04
N MET A 436 0.35 4.90 -21.95
CA MET A 436 -0.76 5.49 -22.70
C MET A 436 -1.48 4.42 -23.51
N GLU A 437 -0.71 3.48 -24.06
CA GLU A 437 -1.26 2.31 -24.74
C GLU A 437 -2.28 1.54 -23.89
N GLY A 438 -1.90 1.25 -22.64
CA GLY A 438 -2.77 0.50 -21.73
C GLY A 438 -4.01 1.29 -21.35
N ALA A 439 -3.88 2.61 -21.29
CA ALA A 439 -5.00 3.49 -21.04
C ALA A 439 -6.07 3.35 -22.13
N VAL A 440 -5.64 3.38 -23.39
CA VAL A 440 -6.55 3.20 -24.53
C VAL A 440 -7.19 1.82 -24.50
N GLU A 441 -6.38 0.79 -24.30
CA GLU A 441 -6.89 -0.60 -24.22
C GLU A 441 -7.99 -0.72 -23.17
N ALA A 442 -7.67 -0.30 -21.94
CA ALA A 442 -8.59 -0.44 -20.81
C ALA A 442 -9.82 0.43 -20.95
N GLY A 443 -9.64 1.65 -21.48
CA GLY A 443 -10.74 2.57 -21.71
C GLY A 443 -11.73 2.03 -22.72
N GLU A 444 -11.22 1.50 -23.82
CA GLU A 444 -12.06 0.95 -24.87
C GLU A 444 -12.67 -0.42 -24.51
N ARG A 445 -11.96 -1.20 -23.69
CA ARG A 445 -12.49 -2.47 -23.18
C ARG A 445 -13.62 -2.23 -22.17
N ALA A 446 -13.43 -1.27 -21.25
CA ALA A 446 -14.47 -0.93 -20.26
C ALA A 446 -15.75 -0.42 -20.94
N ALA A 447 -15.57 0.40 -21.97
CA ALA A 447 -16.67 0.91 -22.77
C ALA A 447 -17.47 -0.21 -23.44
N ARG A 448 -16.77 -1.23 -23.92
CA ARG A 448 -17.43 -2.35 -24.61
C ARG A 448 -18.14 -3.29 -23.65
N GLU A 449 -17.60 -3.44 -22.44
CA GLU A 449 -18.28 -4.17 -21.38
C GLU A 449 -19.69 -3.62 -21.14
N ILE A 450 -19.82 -2.30 -21.18
CA ILE A 450 -21.11 -1.63 -21.03
C ILE A 450 -22.01 -1.86 -22.25
N LEU A 451 -21.44 -1.74 -23.46
CA LEU A 451 -22.16 -2.05 -24.68
C LEU A 451 -22.72 -3.48 -24.69
N HIS A 452 -21.93 -4.42 -24.20
CA HIS A 452 -22.40 -5.79 -24.04
C HIS A 452 -23.54 -5.88 -23.01
N ALA A 453 -23.37 -5.22 -21.88
CA ALA A 453 -24.40 -5.20 -20.81
C ALA A 453 -25.73 -4.64 -21.29
N MET A 454 -25.68 -3.75 -22.27
CA MET A 454 -26.88 -3.14 -22.85
C MET A 454 -27.43 -3.96 -24.02
N GLY A 455 -26.73 -5.04 -24.35
CA GLY A 455 -27.15 -5.96 -25.42
C GLY A 455 -26.92 -5.41 -26.82
N LYS A 456 -25.95 -4.50 -26.95
CA LYS A 456 -25.64 -3.86 -28.21
C LYS A 456 -24.56 -4.60 -29.01
N ILE A 457 -23.68 -5.31 -28.30
CA ILE A 457 -22.66 -6.15 -28.92
C ILE A 457 -22.57 -7.53 -28.24
N PRO A 458 -22.16 -8.57 -28.99
CA PRO A 458 -21.93 -9.90 -28.39
C PRO A 458 -20.77 -9.93 -27.40
N GLU A 459 -20.74 -10.94 -26.54
CA GLU A 459 -19.71 -11.10 -25.51
C GLU A 459 -18.30 -11.17 -26.10
N ASP A 460 -18.18 -11.86 -27.25
CA ASP A 460 -16.89 -12.06 -27.90
C ASP A 460 -16.27 -10.80 -28.50
N GLU A 461 -16.97 -9.66 -28.38
CA GLU A 461 -16.48 -8.42 -28.94
C GLU A 461 -15.96 -7.40 -27.90
N ILE A 462 -16.03 -7.78 -26.62
CA ILE A 462 -15.55 -6.96 -25.51
C ILE A 462 -14.04 -6.72 -25.60
N TRP A 463 -13.29 -7.80 -25.81
CA TRP A 463 -11.85 -7.70 -26.02
C TRP A 463 -11.55 -7.74 -27.52
N GLN A 464 -10.98 -6.65 -28.02
CA GLN A 464 -10.75 -6.49 -29.45
C GLN A 464 -9.26 -6.33 -29.77
N SER A 465 -8.78 -7.15 -30.72
CA SER A 465 -7.40 -7.10 -31.18
C SER A 465 -7.16 -5.89 -32.07
N GLU A 466 -5.93 -5.37 -32.05
CA GLU A 466 -5.58 -4.16 -32.80
C GLU A 466 -4.64 -4.46 -33.97
N PRO A 467 -4.99 -3.97 -35.18
CA PRO A 467 -4.08 -4.16 -36.32
C PRO A 467 -2.78 -3.39 -36.11
N GLU A 468 -1.68 -3.94 -36.62
CA GLU A 468 -0.36 -3.31 -36.46
C GLU A 468 -0.28 -1.99 -37.23
N SER A 469 0.34 -0.99 -36.61
CA SER A 469 0.58 0.30 -37.26
C SER A 469 1.45 0.12 -38.50
N VAL A 470 1.07 0.78 -39.60
CA VAL A 470 1.92 0.83 -40.81
C VAL A 470 3.01 1.89 -40.69
N ASP A 471 2.76 2.88 -39.82
CA ASP A 471 3.68 3.99 -39.59
C ASP A 471 4.82 3.60 -38.65
N VAL A 472 4.49 2.77 -37.65
CA VAL A 472 5.46 2.33 -36.65
C VAL A 472 5.52 0.79 -36.61
N PRO A 473 6.20 0.17 -37.60
CA PRO A 473 6.26 -1.29 -37.68
C PRO A 473 7.11 -1.91 -36.55
N ALA A 474 6.70 -3.09 -36.10
CA ALA A 474 7.41 -3.79 -35.04
C ALA A 474 8.33 -4.88 -35.59
N GLN A 475 9.63 -4.63 -35.51
CA GLN A 475 10.62 -5.66 -35.79
C GLN A 475 10.53 -6.65 -34.64
N PRO A 476 10.63 -7.96 -34.94
CA PRO A 476 10.47 -8.95 -33.88
C PRO A 476 11.66 -8.96 -32.92
N ILE A 477 11.43 -9.39 -31.68
CA ILE A 477 12.51 -9.52 -30.71
C ILE A 477 13.21 -10.86 -30.96
N THR A 478 14.49 -10.79 -31.29
CA THR A 478 15.25 -11.99 -31.65
C THR A 478 16.38 -12.28 -30.66
N THR A 479 16.62 -13.57 -30.43
CA THR A 479 17.74 -14.04 -29.61
C THR A 479 18.74 -14.79 -30.49
N THR A 480 20.02 -14.75 -30.09
CA THR A 480 21.04 -15.53 -30.77
C THR A 480 21.20 -16.90 -30.11
N PHE A 481 21.85 -17.83 -30.81
CA PHE A 481 22.12 -19.17 -30.30
C PHE A 481 22.91 -19.13 -28.98
N LEU A 482 23.93 -18.28 -28.94
CA LEU A 482 24.76 -18.10 -27.74
C LEU A 482 23.94 -17.54 -26.59
N GLU A 483 23.15 -16.50 -26.86
CA GLU A 483 22.28 -15.89 -25.85
C GLU A 483 21.37 -16.93 -25.20
N ARG A 484 20.81 -17.82 -26.02
CA ARG A 484 19.92 -18.87 -25.55
C ARG A 484 20.60 -19.99 -24.77
N HIS A 485 21.85 -20.33 -25.13
CA HIS A 485 22.50 -21.52 -24.60
C HIS A 485 23.75 -21.31 -23.73
N LEU A 486 24.26 -20.08 -23.66
CA LEU A 486 25.39 -19.80 -22.76
C LEU A 486 24.99 -20.08 -21.31
N PRO A 487 25.88 -20.71 -20.53
CA PRO A 487 25.49 -21.07 -19.18
C PRO A 487 25.39 -19.87 -18.24
N SER A 488 24.61 -20.04 -17.16
CA SER A 488 24.63 -19.11 -16.05
C SER A 488 25.97 -19.25 -15.34
N VAL A 489 26.22 -18.41 -14.35
CA VAL A 489 27.43 -18.55 -13.53
C VAL A 489 27.40 -19.85 -12.71
N PRO A 490 26.28 -20.10 -11.96
CA PRO A 490 26.19 -21.40 -11.27
C PRO A 490 26.23 -22.61 -12.20
N GLY A 491 25.70 -22.46 -13.42
CA GLY A 491 25.74 -23.51 -14.44
C GLY A 491 27.14 -23.83 -14.92
N LEU A 492 27.97 -22.80 -15.08
CA LEU A 492 29.38 -22.98 -15.40
C LEU A 492 30.12 -23.67 -14.25
N LEU A 493 29.84 -23.26 -13.01
CA LEU A 493 30.44 -23.86 -11.82
C LEU A 493 30.03 -25.33 -11.65
N ARG A 494 28.77 -25.63 -11.97
CA ARG A 494 28.29 -27.01 -12.02
C ARG A 494 29.07 -27.84 -13.04
N LEU A 495 29.42 -27.21 -14.16
CA LEU A 495 30.17 -27.86 -15.23
C LEU A 495 31.64 -28.06 -14.84
N ILE A 496 32.19 -27.11 -14.10
CA ILE A 496 33.57 -27.18 -13.59
C ILE A 496 33.71 -28.31 -12.56
N GLY A 497 32.83 -28.31 -11.57
CA GLY A 497 32.83 -29.32 -10.52
C GLY A 497 32.52 -30.73 -11.00
N LEU A 498 31.82 -30.83 -12.13
CA LEU A 498 31.46 -32.12 -12.73
C LEU A 498 32.56 -32.69 -13.61
N THR A 499 33.28 -31.81 -14.30
CA THR A 499 34.46 -32.21 -15.08
C THR A 499 35.63 -32.52 -14.16
N THR A 500 36.02 -31.53 -13.36
CA THR A 500 37.11 -31.69 -12.40
C THR A 500 36.59 -32.39 -11.14
N ILE A 501 36.46 -33.72 -11.24
CA ILE A 501 35.97 -34.56 -10.14
C ILE A 501 36.55 -35.97 -10.23
N ASN B 3 -21.51 24.73 13.47
CA ASN B 3 -20.76 25.45 12.40
C ASN B 3 -19.43 25.99 12.90
N LYS B 4 -19.46 27.00 13.77
CA LYS B 4 -18.25 27.64 14.28
C LYS B 4 -17.83 27.03 15.62
N CYS B 5 -16.57 26.59 15.71
CA CYS B 5 -16.02 26.05 16.95
C CYS B 5 -14.49 26.22 17.01
N ASP B 6 -13.89 25.80 18.11
CA ASP B 6 -12.43 25.85 18.28
C ASP B 6 -11.72 24.68 17.58
N VAL B 7 -12.21 23.46 17.79
CA VAL B 7 -11.62 22.26 17.18
C VAL B 7 -12.67 21.32 16.59
N VAL B 8 -12.50 20.98 15.30
CA VAL B 8 -13.24 19.87 14.69
C VAL B 8 -12.39 18.60 14.80
N VAL B 9 -12.97 17.56 15.37
CA VAL B 9 -12.30 16.26 15.43
C VAL B 9 -12.95 15.34 14.40
N VAL B 10 -12.12 14.78 13.51
CA VAL B 10 -12.61 13.89 12.47
C VAL B 10 -12.40 12.45 12.94
N GLY B 11 -13.51 11.77 13.24
CA GLY B 11 -13.48 10.40 13.72
C GLY B 11 -13.97 10.27 15.15
N GLY B 12 -14.99 9.44 15.34
CA GLY B 12 -15.53 9.16 16.68
C GLY B 12 -15.11 7.83 17.27
N GLY B 13 -13.91 7.37 16.92
CA GLY B 13 -13.32 6.19 17.58
C GLY B 13 -12.81 6.60 18.96
N ILE B 14 -12.14 5.69 19.65
CA ILE B 14 -11.54 6.00 20.97
C ILE B 14 -10.57 7.19 20.91
N SER B 15 -9.73 7.26 19.88
CA SER B 15 -8.75 8.35 19.76
C SER B 15 -9.41 9.73 19.63
N GLY B 16 -10.38 9.84 18.72
CA GLY B 16 -11.14 11.08 18.52
C GLY B 16 -11.94 11.51 19.74
N MET B 17 -12.59 10.54 20.38
CA MET B 17 -13.36 10.78 21.60
C MET B 17 -12.49 11.25 22.76
N ALA B 18 -11.33 10.61 22.95
CA ALA B 18 -10.38 10.99 24.00
C ALA B 18 -9.87 12.42 23.78
N ALA B 19 -9.51 12.74 22.54
CA ALA B 19 -9.08 14.08 22.15
C ALA B 19 -10.16 15.13 22.44
N ALA B 20 -11.38 14.84 21.98
CA ALA B 20 -12.51 15.75 22.17
C ALA B 20 -12.82 15.96 23.64
N LYS B 21 -12.86 14.88 24.41
CA LYS B 21 -13.06 14.97 25.86
C LYS B 21 -11.98 15.82 26.53
N LEU B 22 -10.71 15.62 26.16
CA LEU B 22 -9.63 16.42 26.76
C LEU B 22 -9.87 17.92 26.47
N LEU B 23 -10.07 18.25 25.20
CA LEU B 23 -10.29 19.64 24.79
C LEU B 23 -11.52 20.25 25.43
N HIS B 24 -12.61 19.47 25.50
CA HIS B 24 -13.86 19.90 26.13
C HIS B 24 -13.68 20.24 27.60
N ASP B 25 -12.97 19.36 28.33
CA ASP B 25 -12.71 19.56 29.75
C ASP B 25 -11.83 20.76 30.04
N SER B 26 -11.04 21.16 29.03
CA SER B 26 -10.17 22.33 29.15
C SER B 26 -10.88 23.65 28.82
N GLY B 27 -12.14 23.56 28.38
CA GLY B 27 -12.97 24.74 28.15
C GLY B 27 -13.17 25.17 26.70
N LEU B 28 -12.74 24.33 25.75
CA LEU B 28 -12.90 24.65 24.33
C LEU B 28 -14.20 24.11 23.74
N ASN B 29 -14.67 24.76 22.68
CA ASN B 29 -15.82 24.29 21.92
C ASN B 29 -15.37 23.30 20.85
N VAL B 30 -15.73 22.04 21.04
CA VAL B 30 -15.32 20.97 20.13
C VAL B 30 -16.50 20.30 19.44
N VAL B 31 -16.28 19.88 18.21
CA VAL B 31 -17.25 19.10 17.46
C VAL B 31 -16.55 17.82 16.97
N VAL B 32 -17.24 16.68 17.09
CA VAL B 32 -16.76 15.43 16.53
C VAL B 32 -17.59 15.05 15.31
N LEU B 33 -16.93 14.86 14.17
CA LEU B 33 -17.60 14.42 12.95
C LEU B 33 -17.33 12.93 12.70
N GLU B 34 -18.38 12.12 12.80
CA GLU B 34 -18.28 10.67 12.69
C GLU B 34 -19.02 10.17 11.45
N ALA B 35 -18.36 9.33 10.65
CA ALA B 35 -18.90 8.83 9.39
C ALA B 35 -20.06 7.84 9.55
N ARG B 36 -19.96 6.97 10.55
CA ARG B 36 -20.95 5.92 10.81
C ARG B 36 -22.14 6.41 11.61
N ASP B 37 -23.15 5.55 11.74
CA ASP B 37 -24.30 5.77 12.61
C ASP B 37 -24.02 5.40 14.06
N ARG B 38 -22.73 5.17 14.37
CA ARG B 38 -22.30 4.81 15.72
C ARG B 38 -20.89 5.36 16.02
N VAL B 39 -20.56 5.48 17.30
CA VAL B 39 -19.17 5.75 17.71
C VAL B 39 -18.43 4.43 18.02
N GLY B 40 -17.11 4.49 18.15
CA GLY B 40 -16.32 3.32 18.53
C GLY B 40 -15.29 2.84 17.52
N GLY B 41 -15.58 3.05 16.23
CA GLY B 41 -14.70 2.64 15.14
C GLY B 41 -14.37 1.16 15.13
N ARG B 42 -13.10 0.86 15.42
CA ARG B 42 -12.60 -0.51 15.44
C ARG B 42 -12.94 -1.28 16.73
N THR B 43 -13.62 -0.61 17.66
CA THR B 43 -14.27 -1.29 18.77
C THR B 43 -15.77 -1.25 18.51
N TYR B 44 -16.42 -2.37 18.76
CA TYR B 44 -17.86 -2.47 18.59
C TYR B 44 -18.43 -3.52 19.53
N THR B 45 -19.36 -3.12 20.40
CA THR B 45 -20.05 -4.04 21.29
C THR B 45 -21.49 -4.30 20.84
N LEU B 46 -21.73 -5.53 20.42
CA LEU B 46 -23.06 -5.98 20.03
C LEU B 46 -23.81 -6.47 21.26
N ARG B 47 -25.09 -6.12 21.34
CA ARG B 47 -25.97 -6.61 22.39
C ARG B 47 -27.19 -7.34 21.81
N ASN B 48 -27.40 -8.55 22.30
CA ASN B 48 -28.63 -9.31 22.11
C ASN B 48 -28.79 -10.25 23.29
N GLN B 49 -29.99 -10.81 23.49
CA GLN B 49 -30.22 -11.64 24.67
C GLN B 49 -29.46 -12.97 24.64
N LYS B 50 -29.07 -13.42 23.45
CA LYS B 50 -28.31 -14.66 23.30
C LYS B 50 -26.90 -14.56 23.88
N VAL B 51 -26.26 -13.41 23.68
CA VAL B 51 -24.88 -13.19 24.10
C VAL B 51 -24.76 -12.22 25.28
N LYS B 52 -25.85 -11.49 25.54
CA LYS B 52 -25.88 -10.31 26.42
C LYS B 52 -25.08 -9.12 25.84
N TYR B 53 -23.77 -9.24 25.82
CA TYR B 53 -22.89 -8.31 25.10
C TYR B 53 -21.68 -9.07 24.56
N VAL B 54 -21.12 -8.61 23.45
CA VAL B 54 -19.88 -9.20 22.90
C VAL B 54 -19.07 -8.16 22.14
N ASP B 55 -17.77 -8.10 22.42
CA ASP B 55 -16.85 -7.27 21.65
C ASP B 55 -16.55 -7.95 20.31
N LEU B 56 -16.85 -7.27 19.21
CA LEU B 56 -16.59 -7.81 17.87
C LEU B 56 -15.36 -7.17 17.25
N GLY B 57 -14.83 -6.14 17.91
CA GLY B 57 -13.57 -5.51 17.53
C GLY B 57 -12.60 -5.54 18.69
N GLY B 58 -11.91 -4.42 18.92
CA GLY B 58 -11.01 -4.27 20.06
C GLY B 58 -11.67 -4.58 21.39
N SER B 59 -10.99 -5.39 22.20
CA SER B 59 -11.55 -5.93 23.44
C SER B 59 -10.57 -5.99 24.61
N TYR B 60 -9.37 -6.50 24.35
CA TYR B 60 -8.41 -6.82 25.41
C TYR B 60 -7.60 -5.64 25.88
N VAL B 61 -7.37 -5.60 27.19
CA VAL B 61 -6.48 -4.65 27.83
C VAL B 61 -5.64 -5.41 28.86
N GLY B 62 -4.49 -4.84 29.22
CA GLY B 62 -3.63 -5.49 30.18
C GLY B 62 -2.67 -4.52 30.83
N PRO B 63 -1.78 -5.04 31.68
CA PRO B 63 -0.81 -4.18 32.38
C PRO B 63 0.07 -3.41 31.40
N THR B 64 0.45 -2.20 31.80
CA THR B 64 1.18 -1.18 31.01
C THR B 64 0.30 -0.35 30.07
N GLN B 65 -0.96 -0.76 29.91
CA GLN B 65 -1.93 0.02 29.13
C GLN B 65 -2.71 0.96 30.06
N ASN B 66 -2.00 1.86 30.71
CA ASN B 66 -2.51 2.68 31.80
C ASN B 66 -3.47 3.82 31.42
N ARG B 67 -3.35 4.32 30.19
CA ARG B 67 -4.20 5.43 29.72
C ARG B 67 -5.63 5.00 29.42
N ILE B 68 -5.79 3.88 28.69
CA ILE B 68 -7.11 3.30 28.45
C ILE B 68 -7.78 2.87 29.77
N LEU B 69 -6.99 2.32 30.70
CA LEU B 69 -7.51 1.90 32.00
C LEU B 69 -8.01 3.08 32.85
N ARG B 70 -7.30 4.20 32.79
CA ARG B 70 -7.67 5.40 33.56
C ARG B 70 -8.92 6.08 32.98
N LEU B 71 -8.97 6.18 31.66
CA LEU B 71 -10.11 6.77 30.95
C LEU B 71 -11.37 5.97 31.21
N ALA B 72 -11.27 4.65 31.08
CA ALA B 72 -12.41 3.76 31.30
C ALA B 72 -12.86 3.77 32.78
N LYS B 73 -11.90 3.83 33.70
CA LYS B 73 -12.23 3.94 35.12
C LYS B 73 -13.00 5.22 35.44
N GLU B 74 -12.59 6.34 34.85
CA GLU B 74 -13.29 7.62 35.03
C GLU B 74 -14.73 7.58 34.51
N LEU B 75 -14.94 6.81 33.44
CA LEU B 75 -16.27 6.65 32.85
C LEU B 75 -17.14 5.63 33.61
N GLY B 76 -16.58 5.02 34.65
CA GLY B 76 -17.34 4.09 35.51
C GLY B 76 -17.25 2.65 35.04
N LEU B 77 -16.29 2.36 34.17
CA LEU B 77 -16.09 1.00 33.68
C LEU B 77 -15.17 0.19 34.58
N GLU B 78 -15.33 -1.14 34.49
CA GLU B 78 -14.55 -2.07 35.30
C GLU B 78 -14.04 -3.21 34.41
N THR B 79 -12.89 -3.78 34.76
CA THR B 79 -12.33 -4.91 34.04
C THR B 79 -12.52 -6.23 34.81
N TYR B 80 -12.41 -7.32 34.07
CA TYR B 80 -12.30 -8.65 34.64
C TYR B 80 -11.22 -9.42 33.88
N LYS B 81 -10.74 -10.49 34.50
CA LYS B 81 -9.64 -11.30 33.96
C LYS B 81 -10.12 -12.36 32.97
N VAL B 82 -9.48 -12.41 31.80
CA VAL B 82 -9.65 -13.48 30.83
C VAL B 82 -9.23 -14.80 31.49
N ASN B 83 -10.02 -15.85 31.31
CA ASN B 83 -9.75 -17.14 31.96
C ASN B 83 -8.44 -17.80 31.47
N GLU B 84 -7.50 -17.94 32.42
CA GLU B 84 -6.25 -18.64 32.16
C GLU B 84 -5.81 -19.49 33.36
N VAL B 85 -6.78 -19.94 34.16
CA VAL B 85 -6.52 -20.82 35.30
C VAL B 85 -5.97 -22.20 34.85
N GLU B 86 -6.64 -22.82 33.87
CA GLU B 86 -6.31 -24.17 33.44
C GLU B 86 -5.23 -24.17 32.33
N ARG B 87 -4.96 -25.32 31.75
CA ARG B 87 -3.87 -25.47 30.78
C ARG B 87 -4.18 -24.86 29.41
N LEU B 88 -3.16 -24.26 28.80
CA LEU B 88 -3.20 -23.82 27.42
C LEU B 88 -2.95 -25.03 26.52
N ILE B 89 -3.34 -24.94 25.25
CA ILE B 89 -3.11 -26.02 24.31
C ILE B 89 -2.32 -25.55 23.09
N HIS B 90 -1.25 -26.27 22.76
CA HIS B 90 -0.57 -26.10 21.49
C HIS B 90 -0.92 -27.29 20.61
N HIS B 91 -1.57 -27.00 19.48
CA HIS B 91 -1.96 -28.03 18.54
C HIS B 91 -1.00 -28.03 17.37
N VAL B 92 -0.16 -29.06 17.32
CA VAL B 92 0.86 -29.18 16.27
C VAL B 92 0.78 -30.52 15.56
N LYS B 93 0.71 -30.46 14.23
CA LYS B 93 0.60 -31.66 13.38
C LYS B 93 -0.50 -32.63 13.82
N GLY B 94 -1.70 -32.08 14.03
CA GLY B 94 -2.90 -32.87 14.32
C GLY B 94 -2.96 -33.46 15.72
N LYS B 95 -2.20 -32.90 16.65
CA LYS B 95 -2.18 -33.40 18.03
C LYS B 95 -2.08 -32.25 19.04
N SER B 96 -2.83 -32.39 20.14
CA SER B 96 -2.88 -31.38 21.18
C SER B 96 -1.86 -31.63 22.28
N TYR B 97 -1.14 -30.57 22.63
CA TYR B 97 -0.15 -30.63 23.69
C TYR B 97 -0.49 -29.56 24.72
N PRO B 98 -1.08 -29.98 25.85
CA PRO B 98 -1.44 -29.05 26.90
C PRO B 98 -0.20 -28.57 27.66
N PHE B 99 -0.18 -27.30 28.03
CA PHE B 99 0.95 -26.70 28.75
C PHE B 99 0.53 -25.53 29.64
N ARG B 100 1.46 -25.10 30.49
CA ARG B 100 1.26 -23.94 31.35
C ARG B 100 2.32 -22.90 31.03
N GLY B 101 2.06 -21.65 31.39
CA GLY B 101 2.96 -20.55 31.04
C GLY B 101 2.59 -19.94 29.70
N PRO B 102 3.12 -18.74 29.40
CA PRO B 102 2.76 -18.01 28.18
C PRO B 102 3.19 -18.64 26.86
N PHE B 103 4.24 -19.47 26.89
CA PHE B 103 4.81 -20.02 25.65
C PHE B 103 4.90 -21.54 25.61
N PRO B 104 4.54 -22.14 24.45
CA PRO B 104 4.50 -23.60 24.32
C PRO B 104 5.90 -24.20 24.41
N PRO B 105 6.05 -25.29 25.19
CA PRO B 105 7.35 -25.91 25.40
C PRO B 105 7.90 -26.61 24.15
N VAL B 106 9.22 -26.71 24.09
CA VAL B 106 9.92 -27.39 23.00
C VAL B 106 10.84 -28.42 23.64
N TRP B 107 10.89 -29.62 23.07
CA TRP B 107 11.63 -30.72 23.70
C TRP B 107 12.86 -31.22 22.94
N ASN B 108 12.88 -31.05 21.62
CA ASN B 108 14.09 -31.30 20.82
C ASN B 108 15.15 -30.23 21.13
N PRO B 109 16.40 -30.66 21.43
CA PRO B 109 17.47 -29.74 21.85
C PRO B 109 17.80 -28.67 20.81
N ILE B 110 17.84 -29.07 19.54
CA ILE B 110 18.17 -28.17 18.43
C ILE B 110 17.05 -27.15 18.23
N THR B 111 15.82 -27.67 18.19
CA THR B 111 14.62 -26.86 18.08
C THR B 111 14.49 -25.92 19.28
N TYR B 112 14.86 -26.40 20.46
CA TYR B 112 14.86 -25.57 21.66
C TYR B 112 15.81 -24.37 21.53
N LEU B 113 17.04 -24.62 21.09
CA LEU B 113 18.01 -23.55 20.85
C LEU B 113 17.52 -22.55 19.79
N ASP B 114 16.99 -23.09 18.69
CA ASP B 114 16.43 -22.28 17.59
C ASP B 114 15.25 -21.42 18.03
N HIS B 115 14.32 -22.01 18.79
CA HIS B 115 13.18 -21.28 19.36
C HIS B 115 13.63 -20.18 20.32
N ASN B 116 14.49 -20.55 21.26
CA ASN B 116 15.04 -19.59 22.22
C ASN B 116 15.70 -18.39 21.54
N ASN B 117 16.55 -18.67 20.56
CA ASN B 117 17.28 -17.63 19.84
C ASN B 117 16.38 -16.68 19.07
N PHE B 118 15.32 -17.22 18.47
CA PHE B 118 14.42 -16.39 17.69
C PHE B 118 13.78 -15.27 18.51
N TRP B 119 13.16 -15.64 19.63
CA TRP B 119 12.48 -14.69 20.51
C TRP B 119 13.43 -13.69 21.13
N ARG B 120 14.57 -14.21 21.61
CA ARG B 120 15.63 -13.39 22.15
C ARG B 120 16.10 -12.35 21.13
N THR B 121 16.32 -12.79 19.89
CA THR B 121 16.81 -11.92 18.83
C THR B 121 15.80 -10.82 18.48
N MET B 122 14.52 -11.16 18.44
CA MET B 122 13.45 -10.17 18.24
C MET B 122 13.54 -9.02 19.26
N ASP B 123 13.73 -9.37 20.52
CA ASP B 123 13.85 -8.37 21.58
C ASP B 123 15.19 -7.64 21.56
N ASP B 124 16.27 -8.35 21.21
CA ASP B 124 17.59 -7.74 20.99
C ASP B 124 17.52 -6.65 19.93
N MET B 125 16.90 -6.97 18.80
CA MET B 125 16.75 -6.03 17.69
C MET B 125 15.90 -4.84 18.08
N GLY B 126 14.80 -5.10 18.79
CA GLY B 126 13.91 -4.05 19.29
C GLY B 126 14.58 -3.01 20.18
N ARG B 127 15.57 -3.44 20.96
CA ARG B 127 16.31 -2.56 21.86
C ARG B 127 17.06 -1.43 21.14
N GLU B 128 17.26 -1.60 19.83
CA GLU B 128 17.93 -0.59 19.00
C GLU B 128 16.93 0.24 18.18
N ILE B 129 15.64 0.04 18.42
CA ILE B 129 14.61 0.79 17.71
C ILE B 129 13.87 1.75 18.65
N PRO B 130 14.09 3.07 18.47
CA PRO B 130 13.37 4.06 19.28
C PRO B 130 11.87 4.08 19.01
N SER B 131 11.09 4.07 20.08
CA SER B 131 9.61 4.04 20.01
C SER B 131 9.03 5.23 19.25
N ASP B 132 9.57 6.41 19.53
CA ASP B 132 9.09 7.65 18.94
C ASP B 132 9.69 7.96 17.55
N ALA B 133 10.64 7.13 17.12
CA ALA B 133 11.33 7.32 15.83
C ALA B 133 12.02 6.04 15.33
N PRO B 134 11.22 5.03 14.88
CA PRO B 134 11.80 3.78 14.37
C PRO B 134 12.77 3.94 13.20
N TRP B 135 12.56 4.96 12.37
CA TRP B 135 13.46 5.29 11.24
C TRP B 135 14.86 5.78 11.69
N LYS B 136 15.05 5.97 13.00
CA LYS B 136 16.35 6.36 13.57
C LYS B 136 17.15 5.17 14.12
N ALA B 137 16.62 3.97 13.94
CA ALA B 137 17.34 2.73 14.29
C ALA B 137 18.64 2.70 13.50
N PRO B 138 19.75 2.29 14.14
CA PRO B 138 21.06 2.22 13.46
C PRO B 138 21.02 1.50 12.11
N LEU B 139 20.28 0.39 12.04
CA LEU B 139 20.16 -0.40 10.82
C LEU B 139 18.77 -0.28 10.22
N ALA B 140 18.18 0.91 10.32
CA ALA B 140 16.80 1.13 9.89
C ALA B 140 16.54 0.71 8.45
N GLU B 141 17.41 1.16 7.54
CA GLU B 141 17.29 0.89 6.10
C GLU B 141 17.42 -0.61 5.80
N GLU B 142 18.46 -1.23 6.35
CA GLU B 142 18.67 -2.67 6.19
C GLU B 142 17.46 -3.50 6.65
N TRP B 143 16.95 -3.18 7.84
CA TRP B 143 15.79 -3.88 8.38
C TRP B 143 14.47 -3.52 7.68
N ASP B 144 14.36 -2.29 7.19
CA ASP B 144 13.15 -1.85 6.51
C ASP B 144 13.04 -2.41 5.07
N ASN B 145 14.19 -2.72 4.46
CA ASN B 145 14.23 -3.22 3.08
C ASN B 145 14.03 -4.73 2.96
N MET B 146 13.76 -5.38 4.08
CA MET B 146 13.46 -6.80 4.08
C MET B 146 12.11 -7.06 4.74
N THR B 147 11.41 -8.08 4.26
CA THR B 147 10.16 -8.50 4.87
C THR B 147 10.46 -9.35 6.12
N MET B 148 9.44 -9.56 6.96
CA MET B 148 9.57 -10.47 8.09
C MET B 148 9.82 -11.90 7.64
N LYS B 149 9.35 -12.25 6.43
CA LYS B 149 9.57 -13.59 5.89
C LYS B 149 11.06 -13.88 5.68
N GLU B 150 11.79 -12.95 5.07
CA GLU B 150 13.22 -13.16 4.86
C GLU B 150 14.05 -13.10 6.14
N LEU B 151 13.63 -12.29 7.12
CA LEU B 151 14.24 -12.34 8.46
C LEU B 151 14.04 -13.71 9.13
N LEU B 152 12.81 -14.24 9.09
CA LEU B 152 12.52 -15.57 9.62
C LEU B 152 13.28 -16.68 8.91
N ASP B 153 13.36 -16.58 7.58
CA ASP B 153 14.14 -17.52 6.75
C ASP B 153 15.62 -17.51 7.15
N LYS B 154 16.14 -16.31 7.43
CA LYS B 154 17.52 -16.11 7.85
C LYS B 154 17.77 -16.67 9.25
N LEU B 155 16.84 -16.40 10.16
CA LEU B 155 17.03 -16.62 11.59
C LEU B 155 16.69 -18.03 12.09
N CYS B 156 15.67 -18.65 11.51
CA CYS B 156 15.17 -19.94 11.97
C CYS B 156 15.76 -21.11 11.20
N TRP B 157 16.54 -21.92 11.90
CA TRP B 157 17.20 -23.09 11.33
C TRP B 157 16.31 -24.34 11.29
N THR B 158 15.21 -24.30 12.06
CA THR B 158 14.24 -25.39 12.12
C THR B 158 12.88 -24.92 11.61
N GLU B 159 12.13 -25.83 10.99
CA GLU B 159 10.79 -25.50 10.48
C GLU B 159 9.79 -25.27 11.60
N SER B 160 9.97 -25.97 12.72
CA SER B 160 9.16 -25.76 13.91
C SER B 160 9.16 -24.31 14.42
N ALA B 161 10.34 -23.69 14.46
CA ALA B 161 10.45 -22.31 14.94
C ALA B 161 9.87 -21.31 13.94
N LYS B 162 10.17 -21.54 12.66
CA LYS B 162 9.71 -20.67 11.58
C LYS B 162 8.19 -20.62 11.53
N GLN B 163 7.55 -21.77 11.72
CA GLN B 163 6.11 -21.88 11.62
C GLN B 163 5.40 -21.24 12.83
N LEU B 164 6.01 -21.33 14.02
CA LEU B 164 5.47 -20.67 15.20
C LEU B 164 5.71 -19.14 15.15
N ALA B 165 6.88 -18.74 14.66
CA ALA B 165 7.19 -17.34 14.42
C ALA B 165 6.22 -16.72 13.40
N THR B 166 5.85 -17.51 12.38
CA THR B 166 4.92 -17.08 11.35
C THR B 166 3.54 -16.82 11.96
N LEU B 167 3.08 -17.77 12.77
CA LEU B 167 1.81 -17.66 13.47
C LEU B 167 1.81 -16.41 14.34
N PHE B 168 2.92 -16.21 15.07
CA PHE B 168 3.13 -15.03 15.92
C PHE B 168 2.95 -13.72 15.15
N VAL B 169 3.60 -13.60 13.99
CA VAL B 169 3.44 -12.43 13.12
C VAL B 169 1.98 -12.28 12.68
N ASN B 170 1.40 -13.37 12.15
CA ASN B 170 0.00 -13.36 11.70
C ASN B 170 -0.96 -12.84 12.76
N LEU B 171 -0.79 -13.33 13.98
CA LEU B 171 -1.63 -12.99 15.12
C LEU B 171 -1.42 -11.55 15.62
N CYS B 172 -0.18 -11.08 15.63
CA CYS B 172 0.12 -9.74 16.14
C CYS B 172 -0.41 -8.62 15.25
N VAL B 173 -0.22 -8.79 13.93
CA VAL B 173 -0.42 -7.69 12.98
C VAL B 173 -1.35 -8.04 11.80
N THR B 174 -2.05 -9.16 11.91
CA THR B 174 -3.06 -9.63 10.92
C THR B 174 -2.60 -9.53 9.46
N ALA B 175 -1.33 -9.85 9.24
CA ALA B 175 -0.73 -9.79 7.92
C ALA B 175 0.26 -10.92 7.77
N GLU B 176 0.62 -11.22 6.53
CA GLU B 176 1.56 -12.28 6.23
C GLU B 176 2.97 -11.77 6.46
N THR B 177 3.88 -12.68 6.81
CA THR B 177 5.30 -12.35 7.02
C THR B 177 5.92 -11.62 5.83
N HIS B 178 5.51 -12.01 4.61
CA HIS B 178 6.07 -11.46 3.37
C HIS B 178 5.45 -10.10 2.99
N GLU B 179 4.35 -9.73 3.65
CA GLU B 179 3.70 -8.44 3.41
C GLU B 179 4.33 -7.28 4.17
N VAL B 180 4.95 -7.56 5.31
CA VAL B 180 5.36 -6.51 6.25
C VAL B 180 6.86 -6.28 6.35
N SER B 181 7.23 -5.03 6.59
CA SER B 181 8.62 -4.65 6.88
C SER B 181 9.12 -5.30 8.17
N ALA B 182 10.35 -5.80 8.14
CA ALA B 182 10.98 -6.32 9.37
C ALA B 182 11.15 -5.22 10.40
N LEU B 183 11.69 -4.07 10.00
CA LEU B 183 11.80 -2.89 10.88
C LEU B 183 10.48 -2.51 11.54
N TRP B 184 9.43 -2.38 10.75
CA TRP B 184 8.13 -2.00 11.30
C TRP B 184 7.61 -3.03 12.30
N PHE B 185 7.74 -4.32 11.97
CA PHE B 185 7.24 -5.36 12.86
C PHE B 185 7.99 -5.42 14.20
N LEU B 186 9.31 -5.29 14.14
CA LEU B 186 10.15 -5.27 15.33
C LEU B 186 9.90 -4.02 16.18
N TRP B 187 9.57 -2.91 15.52
CA TRP B 187 9.16 -1.70 16.24
C TRP B 187 7.85 -1.96 16.96
N TYR B 188 6.90 -2.53 16.22
CA TYR B 188 5.57 -2.82 16.73
C TYR B 188 5.57 -3.66 18.03
N VAL B 189 6.41 -4.69 18.05
CA VAL B 189 6.54 -5.57 19.21
C VAL B 189 7.23 -4.85 20.38
N LYS B 190 8.33 -4.17 20.07
CA LYS B 190 9.10 -3.37 21.02
C LYS B 190 8.26 -2.30 21.74
N GLN B 191 7.41 -1.62 20.98
CA GLN B 191 6.58 -0.54 21.52
C GLN B 191 5.34 -1.04 22.25
N CYS B 192 5.15 -2.37 22.25
CA CYS B 192 4.18 -3.01 23.14
C CYS B 192 4.85 -3.61 24.38
N GLY B 193 6.14 -3.38 24.55
CA GLY B 193 6.88 -3.88 25.71
C GLY B 193 7.66 -5.17 25.50
N GLY B 194 7.76 -5.62 24.25
CA GLY B 194 8.51 -6.85 23.92
C GLY B 194 7.65 -8.06 23.63
N THR B 195 8.28 -9.15 23.20
CA THR B 195 7.56 -10.37 22.81
C THR B 195 6.69 -10.95 23.92
N THR B 196 7.24 -11.07 25.12
CA THR B 196 6.50 -11.68 26.24
C THR B 196 5.26 -10.87 26.62
N ARG B 197 5.43 -9.56 26.72
CA ARG B 197 4.32 -8.67 27.06
C ARG B 197 3.21 -8.68 26.01
N ILE B 198 3.57 -8.75 24.72
CA ILE B 198 2.56 -8.71 23.67
C ILE B 198 1.76 -10.03 23.53
N ILE B 199 2.40 -11.16 23.82
CA ILE B 199 1.77 -12.50 23.66
C ILE B 199 1.04 -13.00 24.91
N SER B 200 1.37 -12.43 26.07
CA SER B 200 0.88 -12.97 27.34
C SER B 200 -0.56 -12.57 27.62
N THR B 201 -1.30 -13.48 28.24
CA THR B 201 -2.61 -13.19 28.78
C THR B 201 -2.36 -12.69 30.21
N THR B 202 -2.07 -13.60 31.14
CA THR B 202 -1.60 -13.19 32.46
C THR B 202 -0.35 -12.33 32.31
N ASN B 203 -0.41 -11.10 32.82
CA ASN B 203 0.70 -10.14 32.79
C ASN B 203 1.05 -9.59 31.39
N GLY B 204 0.08 -9.60 30.49
CA GLY B 204 0.28 -9.07 29.14
C GLY B 204 -0.95 -8.42 28.53
N GLY B 205 -0.92 -8.25 27.20
CA GLY B 205 -1.98 -7.53 26.49
C GLY B 205 -3.38 -8.14 26.52
N GLN B 206 -3.46 -9.45 26.75
CA GLN B 206 -4.75 -10.16 26.71
C GLN B 206 -5.28 -10.52 28.09
N GLU B 207 -4.79 -9.85 29.13
CA GLU B 207 -5.14 -10.19 30.50
C GLU B 207 -6.62 -9.96 30.83
N ARG B 208 -7.18 -8.87 30.30
CA ARG B 208 -8.47 -8.37 30.75
C ARG B 208 -9.40 -7.89 29.64
N LYS B 209 -10.68 -7.85 29.96
CA LYS B 209 -11.72 -7.24 29.14
C LYS B 209 -12.57 -6.31 30.01
N PHE B 210 -13.25 -5.37 29.38
CA PHE B 210 -14.20 -4.53 30.09
C PHE B 210 -15.53 -5.24 30.26
N VAL B 211 -16.08 -5.15 31.48
CA VAL B 211 -17.43 -5.61 31.77
C VAL B 211 -18.44 -4.76 30.98
N GLY B 212 -19.27 -5.43 30.19
CA GLY B 212 -20.24 -4.75 29.33
C GLY B 212 -19.73 -4.38 27.94
N GLY B 213 -18.43 -4.58 27.69
CA GLY B 213 -17.84 -4.25 26.40
C GLY B 213 -17.03 -2.97 26.35
N SER B 214 -16.08 -2.91 25.41
CA SER B 214 -15.22 -1.74 25.20
C SER B 214 -15.93 -0.61 24.44
N GLY B 215 -17.01 -0.94 23.74
CA GLY B 215 -17.81 0.08 23.03
C GLY B 215 -18.32 1.16 23.96
N GLN B 216 -18.46 0.80 25.24
CA GLN B 216 -18.92 1.73 26.29
C GLN B 216 -17.97 2.93 26.50
N VAL B 217 -16.69 2.74 26.19
CA VAL B 217 -15.74 3.86 26.27
C VAL B 217 -16.19 5.01 25.35
N SER B 218 -16.34 4.73 24.06
CA SER B 218 -16.77 5.75 23.11
C SER B 218 -18.21 6.20 23.36
N GLU B 219 -19.08 5.27 23.71
CA GLU B 219 -20.50 5.58 24.00
C GLU B 219 -20.65 6.53 25.18
N ARG B 220 -19.93 6.27 26.27
CA ARG B 220 -20.02 7.11 27.46
C ARG B 220 -19.38 8.49 27.29
N ILE B 221 -18.34 8.59 26.46
CA ILE B 221 -17.74 9.88 26.15
C ILE B 221 -18.70 10.72 25.29
N MET B 222 -19.37 10.07 24.33
CA MET B 222 -20.41 10.71 23.54
C MET B 222 -21.55 11.25 24.40
N ASP B 223 -21.90 10.53 25.47
CA ASP B 223 -22.90 11.01 26.43
C ASP B 223 -22.42 12.24 27.18
N LEU B 224 -21.13 12.26 27.54
CA LEU B 224 -20.50 13.40 28.19
C LEU B 224 -20.42 14.64 27.29
N LEU B 225 -20.37 14.43 25.97
CA LEU B 225 -20.22 15.53 25.03
C LEU B 225 -21.54 16.13 24.54
N GLY B 226 -22.66 15.50 24.93
CA GLY B 226 -23.97 16.04 24.62
C GLY B 226 -24.31 15.97 23.14
N ASP B 227 -24.53 17.13 22.52
CA ASP B 227 -24.89 17.19 21.11
C ASP B 227 -23.71 17.56 20.22
N ARG B 228 -22.50 17.46 20.78
CA ARG B 228 -21.28 17.83 20.07
C ARG B 228 -20.77 16.75 19.11
N VAL B 229 -21.25 15.52 19.27
CA VAL B 229 -20.89 14.42 18.38
C VAL B 229 -21.93 14.27 17.25
N LYS B 230 -21.46 14.33 16.01
CA LYS B 230 -22.32 14.28 14.82
C LYS B 230 -22.13 12.96 14.08
N LEU B 231 -23.15 12.11 14.13
CA LEU B 231 -23.12 10.80 13.50
C LEU B 231 -23.60 10.88 12.07
N GLU B 232 -23.13 9.95 11.25
CA GLU B 232 -23.41 9.94 9.80
C GLU B 232 -22.99 11.27 9.15
N ARG B 233 -21.82 11.75 9.57
CA ARG B 233 -21.17 12.92 8.99
C ARG B 233 -19.77 12.56 8.47
N PRO B 234 -19.69 11.83 7.33
CA PRO B 234 -18.37 11.54 6.80
C PRO B 234 -17.74 12.80 6.23
N VAL B 235 -16.52 13.10 6.65
CA VAL B 235 -15.78 14.26 6.15
C VAL B 235 -15.27 13.98 4.73
N ILE B 236 -15.53 14.93 3.83
CA ILE B 236 -15.17 14.80 2.42
C ILE B 236 -14.17 15.86 1.95
N TYR B 237 -14.07 16.97 2.68
CA TYR B 237 -13.33 18.12 2.20
C TYR B 237 -12.77 18.98 3.32
N ILE B 238 -11.47 19.25 3.27
CA ILE B 238 -10.83 20.16 4.22
C ILE B 238 -10.13 21.33 3.52
N ASP B 239 -10.63 22.53 3.77
CA ASP B 239 -10.11 23.76 3.15
C ASP B 239 -9.37 24.59 4.20
N GLN B 240 -8.10 24.85 3.93
CA GLN B 240 -7.22 25.57 4.85
C GLN B 240 -6.67 26.88 4.29
N THR B 241 -7.21 27.30 3.15
CA THR B 241 -6.74 28.50 2.45
C THR B 241 -7.09 29.80 3.18
N ARG B 242 -8.16 29.76 3.98
CA ARG B 242 -8.69 30.96 4.64
C ARG B 242 -8.25 31.10 6.11
N GLU B 243 -8.79 32.13 6.75
CA GLU B 243 -8.50 32.48 8.16
C GLU B 243 -8.78 31.33 9.12
N ASN B 244 -9.98 30.74 9.00
CA ASN B 244 -10.34 29.56 9.79
C ASN B 244 -10.60 28.37 8.87
N VAL B 245 -10.30 27.17 9.37
CA VAL B 245 -10.41 25.92 8.61
C VAL B 245 -11.87 25.56 8.31
N LEU B 246 -12.15 25.22 7.05
CA LEU B 246 -13.49 24.77 6.65
C LEU B 246 -13.49 23.26 6.45
N VAL B 247 -14.44 22.58 7.08
CA VAL B 247 -14.57 21.12 6.97
C VAL B 247 -15.97 20.76 6.48
N GLU B 248 -16.05 20.15 5.31
CA GLU B 248 -17.33 19.78 4.72
C GLU B 248 -17.61 18.27 4.87
N THR B 249 -18.86 17.94 5.12
CA THR B 249 -19.30 16.55 5.24
C THR B 249 -20.10 16.12 4.01
N LEU B 250 -20.34 14.82 3.88
CA LEU B 250 -20.99 14.22 2.71
C LEU B 250 -22.42 14.72 2.54
N ASN B 251 -23.10 14.99 3.65
CA ASN B 251 -24.45 15.56 3.62
C ASN B 251 -24.46 17.09 3.50
N HIS B 252 -23.34 17.64 3.02
CA HIS B 252 -23.22 19.06 2.62
C HIS B 252 -23.07 20.07 3.76
N GLU B 253 -23.07 19.58 5.00
CA GLU B 253 -22.88 20.44 6.17
C GLU B 253 -21.48 21.03 6.24
N MET B 254 -21.40 22.28 6.71
CA MET B 254 -20.15 23.03 6.78
C MET B 254 -19.76 23.31 8.23
N TYR B 255 -18.50 23.04 8.56
CA TYR B 255 -17.98 23.29 9.90
C TYR B 255 -16.71 24.11 9.83
N GLU B 256 -16.66 25.17 10.63
CA GLU B 256 -15.54 26.09 10.66
C GLU B 256 -14.83 25.96 12.01
N ALA B 257 -13.50 25.89 11.96
CA ALA B 257 -12.71 25.70 13.18
C ALA B 257 -11.35 26.38 13.11
N LYS B 258 -10.78 26.64 14.28
CA LYS B 258 -9.40 27.13 14.38
C LYS B 258 -8.40 26.01 14.04
N TYR B 259 -8.70 24.79 14.48
CA TYR B 259 -7.83 23.63 14.27
C TYR B 259 -8.64 22.35 14.00
N VAL B 260 -7.99 21.37 13.37
CA VAL B 260 -8.56 20.06 13.14
C VAL B 260 -7.70 18.94 13.74
N ILE B 261 -8.35 17.93 14.31
CA ILE B 261 -7.68 16.69 14.65
C ILE B 261 -8.20 15.60 13.72
N SER B 262 -7.29 14.98 12.97
CA SER B 262 -7.62 13.81 12.17
C SER B 262 -7.39 12.56 13.01
N ALA B 263 -8.48 11.90 13.39
CA ALA B 263 -8.40 10.74 14.27
C ALA B 263 -8.90 9.48 13.55
N ILE B 264 -8.46 9.35 12.31
CA ILE B 264 -8.83 8.22 11.45
C ILE B 264 -7.57 7.47 11.03
N PRO B 265 -7.70 6.18 10.67
CA PRO B 265 -6.56 5.44 10.10
C PRO B 265 -5.93 6.25 8.95
N PRO B 266 -4.58 6.34 8.92
CA PRO B 266 -3.86 7.19 7.97
C PRO B 266 -4.32 7.05 6.51
N THR B 267 -4.50 5.81 6.03
CA THR B 267 -4.92 5.62 4.63
C THR B 267 -6.31 6.20 4.34
N LEU B 268 -7.16 6.27 5.36
CA LEU B 268 -8.52 6.84 5.20
C LEU B 268 -8.53 8.37 5.03
N GLY B 269 -7.38 9.00 5.25
CA GLY B 269 -7.17 10.36 4.79
C GLY B 269 -7.39 10.54 3.29
N MET B 270 -7.28 9.45 2.53
CA MET B 270 -7.58 9.46 1.09
C MET B 270 -9.04 9.83 0.78
N LYS B 271 -9.95 9.57 1.72
CA LYS B 271 -11.38 9.85 1.54
C LYS B 271 -11.72 11.35 1.62
N ILE B 272 -10.76 12.14 2.06
CA ILE B 272 -10.90 13.58 2.19
C ILE B 272 -10.16 14.30 1.06
N HIS B 273 -10.83 15.26 0.42
CA HIS B 273 -10.20 16.12 -0.58
C HIS B 273 -9.64 17.35 0.13
N PHE B 274 -8.37 17.63 -0.11
CA PHE B 274 -7.70 18.72 0.59
C PHE B 274 -7.47 19.94 -0.28
N ASN B 275 -7.60 21.11 0.35
CA ASN B 275 -7.31 22.38 -0.28
C ASN B 275 -6.63 23.28 0.76
N PRO B 276 -5.35 23.66 0.52
CA PRO B 276 -4.54 23.31 -0.65
C PRO B 276 -4.17 21.81 -0.63
N PRO B 277 -3.62 21.30 -1.75
CA PRO B 277 -3.19 19.89 -1.77
C PRO B 277 -2.28 19.58 -0.58
N LEU B 278 -2.29 18.33 -0.12
CA LEU B 278 -1.41 17.87 0.94
C LEU B 278 0.05 17.99 0.48
N PRO B 279 0.98 18.17 1.43
CA PRO B 279 2.39 18.14 1.01
C PRO B 279 2.73 16.78 0.40
N MET B 280 3.73 16.76 -0.47
CA MET B 280 4.12 15.57 -1.23
C MET B 280 4.23 14.28 -0.41
N MET B 281 4.97 14.32 0.68
CA MET B 281 5.24 13.10 1.45
C MET B 281 3.99 12.46 2.05
N ARG B 282 3.12 13.28 2.63
CA ARG B 282 1.83 12.77 3.14
C ARG B 282 0.90 12.35 2.02
N ASN B 283 0.86 13.12 0.93
CA ASN B 283 0.06 12.74 -0.25
C ASN B 283 0.32 11.30 -0.68
N GLN B 284 1.59 10.91 -0.77
CA GLN B 284 1.95 9.54 -1.13
C GLN B 284 1.92 8.54 0.02
N MET B 285 2.19 8.99 1.24
CA MET B 285 2.18 8.11 2.42
C MET B 285 0.83 7.41 2.60
N ILE B 286 -0.25 8.18 2.54
CA ILE B 286 -1.62 7.69 2.80
C ILE B 286 -2.12 6.68 1.74
N THR B 287 -1.32 6.43 0.71
CA THR B 287 -1.60 5.39 -0.28
C THR B 287 -0.72 4.15 -0.05
N ARG B 288 0.13 4.22 0.98
CA ARG B 288 1.17 3.21 1.17
C ARG B 288 1.01 2.41 2.47
N VAL B 289 -0.13 2.59 3.14
CA VAL B 289 -0.28 2.13 4.53
C VAL B 289 -1.59 1.37 4.77
N PRO B 290 -1.67 0.11 4.31
CA PRO B 290 -2.91 -0.65 4.42
C PRO B 290 -3.15 -1.15 5.84
N LEU B 291 -4.36 -1.60 6.12
CA LEU B 291 -4.67 -2.28 7.38
C LEU B 291 -4.79 -3.78 7.17
N GLY B 292 -4.59 -4.54 8.23
CA GLY B 292 -4.63 -5.99 8.17
C GLY B 292 -6.01 -6.58 7.91
N SER B 293 -6.06 -7.90 7.89
CA SER B 293 -7.26 -8.65 7.55
C SER B 293 -7.59 -9.65 8.64
N VAL B 294 -8.79 -9.52 9.21
CA VAL B 294 -9.24 -10.42 10.25
C VAL B 294 -10.76 -10.51 10.31
N ILE B 295 -11.23 -11.71 10.66
CA ILE B 295 -12.60 -11.96 11.07
C ILE B 295 -12.54 -12.39 12.53
N LYS B 296 -13.30 -11.72 13.39
CA LYS B 296 -13.39 -12.14 14.77
C LYS B 296 -14.66 -12.97 14.96
N CYS B 297 -14.48 -14.18 15.47
CA CYS B 297 -15.57 -15.15 15.58
C CYS B 297 -15.72 -15.64 17.01
N ILE B 298 -16.96 -15.69 17.48
CA ILE B 298 -17.28 -16.19 18.82
C ILE B 298 -18.34 -17.29 18.74
N VAL B 299 -17.94 -18.50 19.14
CA VAL B 299 -18.84 -19.64 19.21
C VAL B 299 -19.29 -19.81 20.67
N TYR B 300 -20.60 -19.90 20.86
CA TYR B 300 -21.21 -20.04 22.18
C TYR B 300 -21.65 -21.46 22.48
N TYR B 301 -21.56 -21.83 23.76
CA TYR B 301 -21.91 -23.17 24.21
C TYR B 301 -22.73 -23.11 25.48
N LYS B 302 -23.44 -24.19 25.77
CA LYS B 302 -24.24 -24.33 26.98
C LYS B 302 -23.38 -24.14 28.25
N GLU B 303 -22.18 -24.72 28.25
CA GLU B 303 -21.27 -24.63 29.38
C GLU B 303 -19.82 -24.46 28.91
N PRO B 304 -18.94 -23.90 29.77
CA PRO B 304 -17.51 -23.91 29.43
C PRO B 304 -16.86 -25.29 29.66
N PHE B 305 -17.28 -26.28 28.86
CA PHE B 305 -16.92 -27.68 29.04
C PHE B 305 -15.42 -27.98 29.07
N TRP B 306 -14.63 -27.13 28.41
CA TRP B 306 -13.19 -27.29 28.33
C TRP B 306 -12.51 -27.24 29.71
N ARG B 307 -13.07 -26.43 30.62
CA ARG B 307 -12.56 -26.31 31.99
C ARG B 307 -12.58 -27.63 32.77
N LYS B 308 -13.58 -28.47 32.51
CA LYS B 308 -13.71 -29.79 33.15
C LYS B 308 -12.57 -30.72 32.80
N LYS B 309 -11.98 -30.52 31.63
CA LYS B 309 -10.85 -31.30 31.15
C LYS B 309 -9.50 -30.64 31.47
N ASP B 310 -9.56 -29.61 32.34
CA ASP B 310 -8.40 -28.82 32.76
C ASP B 310 -7.79 -28.04 31.59
N TYR B 311 -8.65 -27.52 30.72
CA TYR B 311 -8.24 -26.60 29.65
C TYR B 311 -8.86 -25.23 29.88
N CYS B 312 -8.07 -24.18 29.73
CA CYS B 312 -8.56 -22.82 29.97
C CYS B 312 -9.37 -22.25 28.79
N GLY B 313 -9.12 -22.76 27.59
CA GLY B 313 -9.80 -22.26 26.40
C GLY B 313 -8.85 -21.66 25.37
N THR B 314 -7.62 -21.41 25.81
CA THR B 314 -6.55 -20.91 24.94
C THR B 314 -6.03 -22.03 24.06
N MET B 315 -6.10 -21.80 22.75
CA MET B 315 -5.61 -22.76 21.78
C MET B 315 -4.64 -22.04 20.85
N ILE B 316 -3.46 -22.63 20.67
CA ILE B 316 -2.47 -22.15 19.71
C ILE B 316 -2.38 -23.24 18.66
N ILE B 317 -2.95 -22.96 17.48
CA ILE B 317 -3.18 -23.99 16.48
C ILE B 317 -2.34 -23.81 15.22
N ASP B 318 -1.35 -24.69 15.05
CA ASP B 318 -0.45 -24.70 13.89
C ASP B 318 -1.18 -25.18 12.62
N GLY B 319 -0.71 -24.72 11.46
CA GLY B 319 -1.08 -25.36 10.20
C GLY B 319 -1.90 -24.51 9.25
N GLU B 320 -1.78 -24.83 7.97
CA GLU B 320 -2.53 -24.12 6.93
C GLU B 320 -4.02 -24.42 6.97
N GLU B 321 -4.37 -25.65 7.35
CA GLU B 321 -5.76 -26.07 7.26
C GLU B 321 -6.66 -25.53 8.36
N ALA B 322 -6.09 -25.24 9.52
CA ALA B 322 -6.80 -24.62 10.62
C ALA B 322 -7.30 -23.23 10.23
N PRO B 323 -8.63 -23.01 10.22
CA PRO B 323 -9.15 -21.67 9.90
C PRO B 323 -8.76 -20.62 10.94
N VAL B 324 -8.71 -21.04 12.20
CA VAL B 324 -8.36 -20.20 13.33
C VAL B 324 -7.03 -20.69 13.91
N ALA B 325 -6.08 -19.76 14.11
CA ALA B 325 -4.77 -20.12 14.67
C ALA B 325 -4.67 -19.86 16.17
N TYR B 326 -5.63 -19.11 16.71
CA TYR B 326 -5.56 -18.66 18.10
C TYR B 326 -6.94 -18.37 18.69
N THR B 327 -7.17 -18.91 19.89
CA THR B 327 -8.43 -18.72 20.59
C THR B 327 -8.23 -18.30 22.04
N LEU B 328 -9.25 -17.68 22.61
CA LEU B 328 -9.32 -17.39 24.03
C LEU B 328 -10.72 -17.74 24.53
N ASP B 329 -10.80 -18.13 25.80
CA ASP B 329 -12.07 -18.27 26.49
C ASP B 329 -12.75 -16.90 26.49
N ASP B 330 -13.99 -16.85 26.00
CA ASP B 330 -14.76 -15.60 25.99
C ASP B 330 -15.99 -15.63 26.91
N THR B 331 -16.00 -16.58 27.84
CA THR B 331 -17.09 -16.71 28.82
C THR B 331 -17.14 -15.46 29.71
N LYS B 332 -18.35 -15.02 30.04
CA LYS B 332 -18.56 -13.89 30.97
C LYS B 332 -17.99 -14.22 32.36
N PRO B 333 -17.54 -13.19 33.10
CA PRO B 333 -16.92 -13.39 34.42
C PRO B 333 -17.79 -14.22 35.38
N GLU B 334 -19.10 -14.17 35.18
CA GLU B 334 -20.06 -14.93 36.00
C GLU B 334 -20.05 -16.43 35.68
N GLY B 335 -19.47 -16.79 34.54
CA GLY B 335 -19.39 -18.20 34.12
C GLY B 335 -20.51 -18.65 33.19
N ASN B 336 -21.38 -17.72 32.82
CA ASN B 336 -22.44 -17.97 31.85
C ASN B 336 -22.08 -17.40 30.48
N TYR B 337 -22.96 -17.59 29.50
CA TYR B 337 -22.66 -17.29 28.09
C TYR B 337 -21.29 -17.85 27.68
N ALA B 338 -21.11 -19.15 27.95
CA ALA B 338 -19.87 -19.86 27.62
C ALA B 338 -19.51 -19.69 26.15
N ALA B 339 -18.26 -19.34 25.90
CA ALA B 339 -17.84 -18.98 24.54
C ALA B 339 -16.35 -19.13 24.31
N ILE B 340 -16.01 -19.42 23.06
CA ILE B 340 -14.63 -19.45 22.59
C ILE B 340 -14.51 -18.36 21.54
N MET B 341 -13.55 -17.46 21.73
CA MET B 341 -13.21 -16.43 20.75
C MET B 341 -12.07 -16.92 19.86
N GLY B 342 -12.22 -16.75 18.55
CA GLY B 342 -11.16 -17.10 17.61
C GLY B 342 -10.95 -16.06 16.54
N PHE B 343 -9.70 -15.88 16.13
CA PHE B 343 -9.35 -14.97 15.03
C PHE B 343 -9.06 -15.74 13.75
N ILE B 344 -9.71 -15.35 12.65
CA ILE B 344 -9.34 -15.86 11.34
C ILE B 344 -8.44 -14.81 10.69
N LEU B 345 -7.17 -15.15 10.50
CA LEU B 345 -6.12 -14.17 10.27
C LEU B 345 -5.64 -14.09 8.83
N ALA B 346 -5.42 -12.86 8.36
CA ALA B 346 -4.67 -12.60 7.12
C ALA B 346 -5.27 -13.28 5.87
N HIS B 347 -4.50 -14.11 5.16
CA HIS B 347 -5.00 -14.71 3.92
C HIS B 347 -6.20 -15.65 4.15
N LYS B 348 -6.27 -16.24 5.35
CA LYS B 348 -7.39 -17.10 5.71
C LYS B 348 -8.69 -16.33 5.82
N ALA B 349 -8.59 -15.04 6.17
CA ALA B 349 -9.75 -14.16 6.24
C ALA B 349 -10.33 -13.89 4.85
N ARG B 350 -9.46 -13.64 3.88
CA ARG B 350 -9.84 -13.46 2.47
C ARG B 350 -10.48 -14.74 1.93
N LYS B 351 -9.83 -15.87 2.21
CA LYS B 351 -10.23 -17.18 1.70
C LYS B 351 -11.57 -17.67 2.27
N LEU B 352 -11.75 -17.55 3.58
CA LEU B 352 -12.93 -18.09 4.25
C LEU B 352 -14.15 -17.15 4.25
N ALA B 353 -13.95 -15.92 3.78
CA ALA B 353 -15.04 -14.95 3.65
C ALA B 353 -15.99 -15.32 2.53
N ARG B 354 -15.51 -16.17 1.61
CA ARG B 354 -16.28 -16.68 0.50
C ARG B 354 -17.35 -17.69 0.94
N LEU B 355 -17.20 -18.21 2.16
CA LEU B 355 -18.16 -19.16 2.72
C LEU B 355 -19.32 -18.44 3.39
N THR B 356 -20.35 -19.19 3.79
CA THR B 356 -21.46 -18.64 4.56
C THR B 356 -21.11 -18.61 6.04
N LYS B 357 -21.81 -17.76 6.78
CA LYS B 357 -21.71 -17.69 8.23
C LYS B 357 -21.81 -19.09 8.85
N GLU B 358 -22.80 -19.85 8.38
CA GLU B 358 -23.04 -21.22 8.85
C GLU B 358 -21.92 -22.19 8.48
N GLU B 359 -21.30 -21.99 7.30
CA GLU B 359 -20.17 -22.80 6.87
C GLU B 359 -18.92 -22.56 7.74
N ARG B 360 -18.68 -21.29 8.07
CA ARG B 360 -17.60 -20.92 8.96
C ARG B 360 -17.79 -21.48 10.37
N LEU B 361 -19.04 -21.47 10.85
CA LEU B 361 -19.37 -22.02 12.18
C LEU B 361 -19.05 -23.52 12.28
N LYS B 362 -19.44 -24.27 11.26
CA LYS B 362 -19.18 -25.71 11.18
C LYS B 362 -17.68 -26.04 11.21
N LYS B 363 -16.88 -25.28 10.45
CA LYS B 363 -15.43 -25.48 10.39
C LYS B 363 -14.74 -25.19 11.73
N LEU B 364 -15.18 -24.15 12.41
CA LEU B 364 -14.63 -23.78 13.71
C LEU B 364 -14.97 -24.81 14.79
N CYS B 365 -16.22 -25.27 14.78
CA CYS B 365 -16.69 -26.27 15.72
C CYS B 365 -15.95 -27.60 15.57
N GLU B 366 -15.77 -28.03 14.33
CA GLU B 366 -15.01 -29.24 14.05
C GLU B 366 -13.54 -29.11 14.43
N LEU B 367 -12.93 -27.97 14.12
CA LEU B 367 -11.57 -27.66 14.58
C LEU B 367 -11.47 -27.72 16.11
N TYR B 368 -12.35 -26.98 16.80
CA TYR B 368 -12.33 -26.93 18.26
C TYR B 368 -12.55 -28.31 18.88
N ALA B 369 -13.37 -29.14 18.22
CA ALA B 369 -13.63 -30.49 18.69
C ALA B 369 -12.38 -31.36 18.62
N LYS B 370 -11.59 -31.18 17.57
CA LYS B 370 -10.31 -31.87 17.42
C LYS B 370 -9.28 -31.40 18.45
N VAL B 371 -9.14 -30.08 18.57
CA VAL B 371 -8.12 -29.49 19.42
C VAL B 371 -8.43 -29.74 20.90
N LEU B 372 -9.68 -29.53 21.31
CA LEU B 372 -10.09 -29.74 22.70
C LEU B 372 -10.35 -31.21 23.03
N GLY B 373 -10.45 -32.04 22.00
CA GLY B 373 -10.74 -33.47 22.17
C GLY B 373 -12.10 -33.68 22.78
N SER B 374 -13.10 -32.98 22.24
CA SER B 374 -14.44 -32.96 22.82
C SER B 374 -15.55 -32.84 21.79
N LEU B 375 -16.48 -33.78 21.84
CA LEU B 375 -17.67 -33.76 20.98
C LEU B 375 -18.64 -32.63 21.31
N GLU B 376 -18.50 -32.06 22.51
CA GLU B 376 -19.36 -30.96 22.94
C GLU B 376 -19.15 -29.69 22.12
N ALA B 377 -17.97 -29.58 21.52
CA ALA B 377 -17.64 -28.47 20.62
C ALA B 377 -18.44 -28.51 19.31
N LEU B 378 -19.11 -29.63 19.07
CA LEU B 378 -19.91 -29.82 17.85
C LEU B 378 -21.34 -29.33 18.00
N GLU B 379 -21.71 -28.89 19.20
CA GLU B 379 -23.08 -28.42 19.48
C GLU B 379 -23.16 -26.96 19.97
N PRO B 380 -22.87 -25.99 19.09
CA PRO B 380 -22.96 -24.59 19.48
C PRO B 380 -24.43 -24.17 19.65
N VAL B 381 -24.66 -23.26 20.59
CA VAL B 381 -26.01 -22.72 20.84
C VAL B 381 -26.21 -21.37 20.14
N HIS B 382 -25.09 -20.76 19.77
CA HIS B 382 -25.08 -19.44 19.16
C HIS B 382 -23.74 -19.11 18.51
N TYR B 383 -23.76 -18.16 17.57
CA TYR B 383 -22.58 -17.74 16.82
C TYR B 383 -22.63 -16.27 16.48
N GLU B 384 -21.53 -15.57 16.72
CA GLU B 384 -21.37 -14.17 16.25
C GLU B 384 -20.00 -13.97 15.58
N GLU B 385 -19.99 -13.15 14.53
CA GLU B 385 -18.75 -12.87 13.80
C GLU B 385 -18.75 -11.46 13.21
N LYS B 386 -17.55 -10.92 13.00
CA LYS B 386 -17.39 -9.66 12.29
C LYS B 386 -16.17 -9.69 11.38
N ASN B 387 -16.42 -9.52 10.09
CA ASN B 387 -15.37 -9.40 9.10
C ASN B 387 -14.99 -7.92 8.95
N TRP B 388 -13.83 -7.56 9.45
CA TRP B 388 -13.44 -6.16 9.47
C TRP B 388 -12.85 -5.67 8.14
N CYS B 389 -12.63 -6.60 7.21
CA CYS B 389 -12.11 -6.27 5.87
C CYS B 389 -13.15 -5.52 5.05
N GLU B 390 -14.41 -5.66 5.44
CA GLU B 390 -15.50 -5.14 4.61
C GLU B 390 -15.90 -3.70 4.98
N GLU B 391 -15.21 -3.13 5.97
CA GLU B 391 -15.54 -1.82 6.52
C GLU B 391 -14.90 -0.65 5.77
N GLN B 392 -15.74 0.14 5.11
CA GLN B 392 -15.31 1.34 4.38
C GLN B 392 -14.57 2.34 5.29
N TYR B 393 -15.00 2.44 6.54
CA TYR B 393 -14.48 3.46 7.44
C TYR B 393 -13.48 2.93 8.50
N SER B 394 -13.05 1.68 8.32
CA SER B 394 -11.93 1.11 9.06
C SER B 394 -10.80 0.75 8.10
N GLY B 395 -11.14 -0.02 7.06
CA GLY B 395 -10.17 -0.49 6.07
C GLY B 395 -9.55 -1.84 6.42
N GLY B 396 -9.93 -2.37 7.59
CA GLY B 396 -9.38 -3.61 8.11
C GLY B 396 -9.20 -3.56 9.62
N CYS B 397 -8.49 -4.55 10.16
CA CYS B 397 -8.14 -4.61 11.58
C CYS B 397 -6.93 -5.52 11.75
N TYR B 398 -6.18 -5.39 12.85
CA TYR B 398 -6.44 -4.44 13.92
C TYR B 398 -5.98 -3.04 13.57
N THR B 399 -4.90 -2.97 12.78
CA THR B 399 -4.21 -1.70 12.59
C THR B 399 -3.46 -1.62 11.26
N THR B 400 -2.78 -0.50 11.06
CA THR B 400 -2.02 -0.23 9.86
C THR B 400 -0.67 -0.95 9.91
N TYR B 401 -0.36 -1.68 8.85
CA TYR B 401 0.97 -2.26 8.70
C TYR B 401 1.78 -1.55 7.62
N PHE B 402 3.10 -1.62 7.74
CA PHE B 402 4.00 -1.00 6.79
C PHE B 402 4.72 -2.05 5.95
N PRO B 403 4.51 -2.03 4.62
CA PRO B 403 5.25 -2.90 3.70
C PRO B 403 6.73 -2.50 3.64
N PRO B 404 7.60 -3.36 3.08
CA PRO B 404 9.02 -2.99 3.04
C PRO B 404 9.30 -1.65 2.33
N GLY B 405 10.19 -0.86 2.93
CA GLY B 405 10.61 0.43 2.38
C GLY B 405 9.84 1.65 2.84
N ILE B 406 8.68 1.45 3.46
CA ILE B 406 7.76 2.55 3.73
C ILE B 406 8.05 3.35 5.01
N LEU B 407 8.28 2.65 6.12
CA LEU B 407 8.49 3.29 7.43
C LEU B 407 9.67 4.26 7.45
N THR B 408 10.78 3.89 6.83
CA THR B 408 11.94 4.79 6.75
C THR B 408 11.71 5.96 5.79
N GLN B 409 10.99 5.72 4.70
CA GLN B 409 10.77 6.78 3.70
C GLN B 409 9.65 7.75 4.04
N TYR B 410 8.62 7.27 4.73
CA TYR B 410 7.43 8.08 5.00
C TYR B 410 7.04 8.15 6.47
N GLY B 411 7.72 7.39 7.32
CA GLY B 411 7.32 7.24 8.73
C GLY B 411 7.21 8.52 9.54
N ARG B 412 8.14 9.45 9.34
CA ARG B 412 8.16 10.68 10.14
C ARG B 412 7.02 11.67 9.80
N VAL B 413 6.34 11.47 8.67
CA VAL B 413 5.24 12.37 8.29
C VAL B 413 3.92 12.04 8.99
N LEU B 414 3.81 10.82 9.54
CA LEU B 414 2.58 10.30 10.16
C LEU B 414 1.85 11.27 11.09
N ARG B 415 2.57 11.80 12.08
CA ARG B 415 1.95 12.72 13.02
C ARG B 415 2.49 14.15 12.92
N GLN B 416 3.18 14.44 11.82
CA GLN B 416 3.61 15.79 11.50
C GLN B 416 2.40 16.62 11.08
N PRO B 417 2.16 17.75 11.78
CA PRO B 417 1.00 18.58 11.51
C PRO B 417 1.02 19.19 10.10
N VAL B 418 -0.13 19.23 9.45
CA VAL B 418 -0.29 19.91 8.16
C VAL B 418 -1.01 21.23 8.42
N ASP B 419 -0.23 22.31 8.54
CA ASP B 419 -0.73 23.64 8.91
C ASP B 419 -1.52 23.58 10.22
N ARG B 420 -2.85 23.58 10.14
CA ARG B 420 -3.70 23.50 11.33
C ARG B 420 -4.40 22.14 11.55
N ILE B 421 -3.98 21.12 10.80
CA ILE B 421 -4.44 19.74 11.02
C ILE B 421 -3.41 18.98 11.87
N TYR B 422 -3.87 18.46 13.00
CA TYR B 422 -3.03 17.64 13.86
C TYR B 422 -3.49 16.19 13.77
N PHE B 423 -2.59 15.24 14.06
CA PHE B 423 -2.86 13.84 13.77
C PHE B 423 -2.88 12.91 14.99
N ALA B 424 -4.03 12.31 15.20
CA ALA B 424 -4.22 11.34 16.26
C ALA B 424 -4.46 9.99 15.61
N GLY B 425 -5.17 9.09 16.31
CA GLY B 425 -5.35 7.75 15.82
C GLY B 425 -4.25 6.85 16.37
N THR B 426 -4.62 5.63 16.72
CA THR B 426 -3.69 4.71 17.38
C THR B 426 -2.37 4.49 16.61
N GLU B 427 -2.42 4.66 15.30
CA GLU B 427 -1.26 4.48 14.42
C GLU B 427 -0.11 5.46 14.71
N THR B 428 -0.45 6.60 15.33
CA THR B 428 0.52 7.64 15.63
C THR B 428 1.05 7.59 17.07
N ALA B 429 0.61 6.59 17.83
CA ALA B 429 1.09 6.42 19.21
C ALA B 429 2.50 5.85 19.24
N THR B 430 3.16 6.00 20.39
CA THR B 430 4.53 5.52 20.59
C THR B 430 4.60 4.36 21.59
N HIS B 431 3.47 4.07 22.25
CA HIS B 431 3.40 2.95 23.20
C HIS B 431 2.04 2.29 23.03
N TRP B 432 2.06 0.99 22.74
CA TRP B 432 0.87 0.24 22.35
C TRP B 432 0.10 0.88 21.18
N SER B 433 0.83 1.44 20.23
CA SER B 433 0.26 1.78 18.93
C SER B 433 -0.39 0.54 18.33
N GLY B 434 -1.61 0.69 17.83
CA GLY B 434 -2.37 -0.42 17.27
C GLY B 434 -3.47 -0.86 18.21
N TYR B 435 -3.40 -0.38 19.45
CA TYR B 435 -4.31 -0.79 20.52
C TYR B 435 -5.20 0.37 20.97
N MET B 436 -6.21 0.05 21.78
CA MET B 436 -7.06 1.09 22.40
C MET B 436 -6.21 2.08 23.20
N GLU B 437 -5.16 1.55 23.83
CA GLU B 437 -4.20 2.33 24.61
C GLU B 437 -3.49 3.41 23.77
N GLY B 438 -3.00 3.02 22.59
CA GLY B 438 -2.39 3.97 21.67
C GLY B 438 -3.36 5.00 21.16
N ALA B 439 -4.64 4.62 21.03
CA ALA B 439 -5.67 5.53 20.58
C ALA B 439 -5.85 6.66 21.59
N VAL B 440 -5.87 6.31 22.87
CA VAL B 440 -5.92 7.29 23.96
C VAL B 440 -4.67 8.17 23.99
N GLU B 441 -3.48 7.57 23.91
CA GLU B 441 -2.24 8.33 23.92
C GLU B 441 -2.21 9.37 22.81
N ALA B 442 -2.53 8.93 21.60
CA ALA B 442 -2.48 9.76 20.42
C ALA B 442 -3.55 10.85 20.41
N GLY B 443 -4.75 10.52 20.87
CA GLY B 443 -5.85 11.49 20.97
C GLY B 443 -5.54 12.63 21.92
N GLU B 444 -5.06 12.28 23.11
CA GLU B 444 -4.70 13.26 24.14
C GLU B 444 -3.48 14.10 23.78
N ARG B 445 -2.45 13.47 23.20
CA ARG B 445 -1.27 14.17 22.69
C ARG B 445 -1.61 15.17 21.58
N ALA B 446 -2.40 14.75 20.59
CA ALA B 446 -2.80 15.63 19.50
C ALA B 446 -3.62 16.82 20.01
N ALA B 447 -4.44 16.56 21.03
CA ALA B 447 -5.24 17.61 21.69
C ALA B 447 -4.34 18.63 22.39
N ARG B 448 -3.31 18.16 23.07
CA ARG B 448 -2.35 19.03 23.78
C ARG B 448 -1.43 19.81 22.85
N GLU B 449 -1.13 19.24 21.68
CA GLU B 449 -0.39 19.95 20.63
C GLU B 449 -1.14 21.22 20.25
N ILE B 450 -2.45 21.11 20.09
CA ILE B 450 -3.33 22.25 19.80
C ILE B 450 -3.38 23.23 20.98
N LEU B 451 -3.49 22.71 22.21
CA LEU B 451 -3.46 23.54 23.41
C LEU B 451 -2.19 24.37 23.48
N HIS B 452 -1.05 23.78 23.12
CA HIS B 452 0.23 24.49 23.02
C HIS B 452 0.27 25.50 21.86
N ALA B 453 -0.28 25.11 20.70
CA ALA B 453 -0.40 26.02 19.55
C ALA B 453 -1.22 27.26 19.92
N MET B 454 -2.16 27.09 20.84
CA MET B 454 -3.01 28.18 21.33
C MET B 454 -2.38 28.96 22.50
N GLY B 455 -1.19 28.53 22.93
CA GLY B 455 -0.46 29.20 24.01
C GLY B 455 -0.96 28.86 25.41
N LYS B 456 -1.78 27.82 25.52
CA LYS B 456 -2.42 27.47 26.79
C LYS B 456 -1.54 26.59 27.70
N ILE B 457 -0.67 25.80 27.08
CA ILE B 457 0.31 24.98 27.82
C ILE B 457 1.70 25.10 27.19
N PRO B 458 2.76 24.92 28.01
CA PRO B 458 4.13 24.88 27.47
C PRO B 458 4.40 23.64 26.61
N GLU B 459 5.43 23.73 25.77
CA GLU B 459 5.83 22.63 24.88
C GLU B 459 6.09 21.30 25.58
N ASP B 460 6.62 21.36 26.81
CA ASP B 460 6.99 20.16 27.56
C ASP B 460 5.80 19.39 28.15
N GLU B 461 4.60 19.94 27.98
CA GLU B 461 3.39 19.30 28.47
C GLU B 461 2.60 18.60 27.36
N ILE B 462 3.15 18.59 26.14
CA ILE B 462 2.50 17.94 24.98
C ILE B 462 2.49 16.42 25.13
N TRP B 463 3.59 15.87 25.63
CA TRP B 463 3.70 14.44 25.89
C TRP B 463 3.70 14.23 27.40
N GLN B 464 2.65 13.57 27.90
CA GLN B 464 2.48 13.40 29.34
C GLN B 464 2.55 11.92 29.75
N SER B 465 3.27 11.65 30.83
CA SER B 465 3.38 10.30 31.37
C SER B 465 2.08 9.92 32.09
N GLU B 466 1.86 8.62 32.28
CA GLU B 466 0.65 8.12 32.91
C GLU B 466 0.98 7.32 34.16
N PRO B 467 0.36 7.65 35.31
CA PRO B 467 0.58 6.85 36.52
C PRO B 467 0.03 5.43 36.32
N GLU B 468 0.73 4.44 36.87
CA GLU B 468 0.33 3.04 36.73
C GLU B 468 -1.01 2.76 37.41
N SER B 469 -1.86 1.99 36.73
CA SER B 469 -3.15 1.54 37.26
C SER B 469 -2.99 0.76 38.56
N VAL B 470 -3.82 1.07 39.56
CA VAL B 470 -3.80 0.33 40.82
C VAL B 470 -4.54 -1.00 40.68
N ASP B 471 -5.49 -1.04 39.75
CA ASP B 471 -6.30 -2.22 39.46
C ASP B 471 -5.52 -3.26 38.65
N VAL B 472 -4.74 -2.79 37.69
CA VAL B 472 -4.00 -3.66 36.78
C VAL B 472 -2.49 -3.35 36.83
N PRO B 473 -1.82 -3.67 37.95
CA PRO B 473 -0.39 -3.38 38.00
C PRO B 473 0.43 -4.34 37.13
N ALA B 474 1.58 -3.85 36.66
CA ALA B 474 2.49 -4.64 35.82
C ALA B 474 3.56 -5.32 36.67
N GLN B 475 3.76 -6.62 36.41
CA GLN B 475 4.89 -7.35 36.98
C GLN B 475 6.02 -7.35 35.97
N PRO B 476 7.28 -7.25 36.44
CA PRO B 476 8.41 -7.17 35.50
C PRO B 476 8.53 -8.39 34.57
N ILE B 477 9.06 -8.18 33.37
CA ILE B 477 9.35 -9.29 32.46
C ILE B 477 10.76 -9.79 32.76
N THR B 478 10.85 -11.07 33.12
CA THR B 478 12.14 -11.67 33.47
C THR B 478 12.57 -12.70 32.43
N THR B 479 13.89 -12.82 32.25
CA THR B 479 14.48 -13.92 31.48
C THR B 479 15.38 -14.75 32.41
N THR B 480 15.67 -15.98 32.03
CA THR B 480 16.56 -16.84 32.82
C THR B 480 17.97 -16.79 32.25
N PHE B 481 18.93 -17.27 33.05
CA PHE B 481 20.34 -17.34 32.64
C PHE B 481 20.52 -18.14 31.33
N LEU B 482 19.94 -19.34 31.30
CA LEU B 482 19.99 -20.18 30.10
C LEU B 482 19.42 -19.48 28.85
N GLU B 483 18.27 -18.83 29.01
CA GLU B 483 17.64 -18.11 27.91
C GLU B 483 18.54 -17.05 27.28
N ARG B 484 19.29 -16.33 28.12
CA ARG B 484 20.14 -15.25 27.66
C ARG B 484 21.47 -15.71 27.05
N HIS B 485 21.93 -16.91 27.45
CA HIS B 485 23.29 -17.33 27.13
C HIS B 485 23.43 -18.60 26.29
N LEU B 486 22.34 -19.35 26.12
CA LEU B 486 22.35 -20.52 25.27
C LEU B 486 22.64 -20.10 23.82
N PRO B 487 23.45 -20.89 23.10
CA PRO B 487 23.78 -20.53 21.74
C PRO B 487 22.61 -20.68 20.77
N SER B 488 22.68 -19.99 19.65
CA SER B 488 21.80 -20.24 18.51
C SER B 488 22.25 -21.53 17.85
N VAL B 489 21.53 -21.97 16.81
CA VAL B 489 21.95 -23.16 16.06
C VAL B 489 23.33 -22.95 15.39
N PRO B 490 23.50 -21.88 14.57
CA PRO B 490 24.83 -21.62 13.99
C PRO B 490 25.95 -21.38 15.01
N GLY B 491 25.60 -20.80 16.16
CA GLY B 491 26.55 -20.61 17.26
C GLY B 491 27.02 -21.91 17.87
N LEU B 492 26.09 -22.85 18.02
CA LEU B 492 26.40 -24.21 18.47
C LEU B 492 27.25 -24.96 17.44
N LEU B 493 27.06 -24.62 16.17
CA LEU B 493 27.81 -25.22 15.07
C LEU B 493 29.27 -24.73 15.04
N ARG B 494 29.45 -23.43 15.28
CA ARG B 494 30.79 -22.83 15.34
C ARG B 494 31.55 -23.29 16.58
N LEU B 495 30.80 -23.69 17.61
CA LEU B 495 31.36 -24.30 18.80
C LEU B 495 31.76 -25.77 18.52
N ILE B 496 31.37 -26.26 17.34
CA ILE B 496 31.76 -27.60 16.86
C ILE B 496 32.61 -27.49 15.60
#